data_8HP5
#
_entry.id   8HP5
#
_cell.length_a   151.753
_cell.length_b   151.753
_cell.length_c   151.753
_cell.angle_alpha   90.00
_cell.angle_beta   90.00
_cell.angle_gamma   90.00
#
_symmetry.space_group_name_H-M   'P 21 3'
#
loop_
_entity.id
_entity.type
_entity.pdbx_description
1 polymer '(S)-2-haloacid dehalogenase'
2 non-polymer 1,2-ETHANEDIOL
3 water water
#
_entity_poly.entity_id   1
_entity_poly.type   'polypeptide(L)'
_entity_poly.pdbx_seq_one_letter_code
;MGSSHHHHHHSSGLVPRGSHMASMTGGQQMGRGSMRLGDYKALSFDCYGTLIDWESGMIEGLRELTARVGTDMSRDEILQ
AHARHESRQQAQTPGKPYRDLLPIVYKRLAEQWGVPFSQAECEEYGRSVRNWPAFVDSPGALQYLKKYYKLIILSNVDNK
TFQYSNEKLQVEFDAIYSAEDVGAYKPSDRNFEYMNGHIGDLGLEPGDILHTAESLFHDHVPARKFGMANCWIYRRHAQE
GFGATMTPSHEPTYDFRFNSMADLVKAHQEELRNGDKLAAALEHHHHHH
;
_entity_poly.pdbx_strand_id   A,B,C
#
loop_
_chem_comp.id
_chem_comp.type
_chem_comp.name
_chem_comp.formula
EDO non-polymer 1,2-ETHANEDIOL 'C2 H6 O2'
#
# COMPACT_ATOMS: atom_id res chain seq x y z
N MET A 35 -14.01 -2.60 -16.05
CA MET A 35 -14.09 -1.65 -14.93
C MET A 35 -12.81 -0.81 -14.79
N ARG A 36 -12.88 0.50 -15.06
CA ARG A 36 -11.68 1.30 -15.25
C ARG A 36 -11.70 2.62 -14.49
N LEU A 37 -10.50 3.11 -14.16
CA LEU A 37 -10.37 4.38 -13.45
C LEU A 37 -10.88 5.55 -14.27
N GLY A 38 -10.69 5.48 -15.60
CA GLY A 38 -11.14 6.56 -16.47
C GLY A 38 -12.64 6.67 -16.63
N ASP A 39 -13.41 5.71 -16.10
CA ASP A 39 -14.86 5.77 -16.20
C ASP A 39 -15.48 6.80 -15.28
N TYR A 40 -14.71 7.43 -14.40
CA TYR A 40 -15.26 8.33 -13.42
C TYR A 40 -14.85 9.76 -13.72
N LYS A 41 -15.74 10.68 -13.40
CA LYS A 41 -15.49 12.10 -13.54
C LYS A 41 -14.84 12.72 -12.33
N ALA A 42 -14.86 12.04 -11.18
CA ALA A 42 -14.46 12.66 -9.93
C ALA A 42 -13.95 11.60 -8.97
N LEU A 43 -13.04 12.02 -8.10
CA LEU A 43 -12.56 11.21 -7.00
C LEU A 43 -12.90 11.93 -5.71
N SER A 44 -13.50 11.21 -4.76
CA SER A 44 -13.66 11.69 -3.40
C SER A 44 -12.64 11.00 -2.52
N PHE A 45 -11.96 11.77 -1.67
CA PHE A 45 -10.83 11.31 -0.89
C PHE A 45 -11.10 11.42 0.60
N ASP A 46 -10.72 10.39 1.32
CA ASP A 46 -10.35 10.59 2.71
C ASP A 46 -9.03 11.37 2.78
N CYS A 47 -8.83 12.09 3.89
CA CYS A 47 -7.63 12.87 4.07
C CYS A 47 -6.60 12.23 5.00
N TYR A 48 -6.91 12.11 6.30
CA TYR A 48 -5.90 11.72 7.28
C TYR A 48 -5.76 10.20 7.31
N GLY A 49 -4.60 9.71 6.89
CA GLY A 49 -4.36 8.30 6.60
C GLY A 49 -4.22 8.02 5.12
N THR A 50 -4.86 8.81 4.27
CA THR A 50 -4.80 8.64 2.82
C THR A 50 -3.83 9.63 2.20
N LEU A 51 -4.09 10.93 2.37
CA LEU A 51 -3.26 12.01 1.82
C LEU A 51 -2.29 12.59 2.84
N ILE A 52 -2.70 12.75 4.09
CA ILE A 52 -1.84 13.24 5.17
C ILE A 52 -1.40 12.03 6.00
N ASP A 53 -0.11 11.98 6.30
CA ASP A 53 0.40 10.91 7.14
C ASP A 53 0.06 11.27 8.60
N TRP A 54 -1.15 10.90 9.04
CA TRP A 54 -1.52 11.26 10.41
C TRP A 54 -0.89 10.32 11.44
N GLU A 55 -0.36 9.17 11.05
CA GLU A 55 0.33 8.33 12.03
C GLU A 55 1.66 8.95 12.46
N SER A 56 2.46 9.47 11.53
CA SER A 56 3.64 10.22 11.94
C SER A 56 3.25 11.45 12.75
N GLY A 57 2.21 12.17 12.29
CA GLY A 57 1.83 13.40 12.95
C GLY A 57 1.42 13.19 14.40
N MET A 58 0.63 12.14 14.67
CA MET A 58 0.13 11.96 16.03
C MET A 58 1.19 11.35 16.94
N ILE A 59 2.05 10.45 16.42
CA ILE A 59 3.23 10.01 17.18
C ILE A 59 4.04 11.21 17.66
N GLU A 60 4.27 12.18 16.76
CA GLU A 60 5.03 13.36 17.13
C GLU A 60 4.28 14.23 18.13
N GLY A 61 2.98 14.43 17.92
CA GLY A 61 2.22 15.27 18.84
C GLY A 61 2.05 14.67 20.22
N LEU A 62 2.11 13.33 20.33
CA LEU A 62 1.96 12.59 21.57
C LEU A 62 3.29 12.23 22.23
N ARG A 63 4.42 12.63 21.62
CA ARG A 63 5.74 12.19 22.05
C ARG A 63 5.97 12.42 23.53
N GLU A 64 5.70 13.66 23.98
CA GLU A 64 5.92 14.01 25.38
C GLU A 64 5.01 13.20 26.29
N LEU A 65 3.78 12.92 25.86
CA LEU A 65 2.88 12.12 26.68
C LEU A 65 3.35 10.67 26.81
N THR A 66 3.69 10.03 25.70
CA THR A 66 4.09 8.63 25.76
C THR A 66 5.44 8.45 26.45
N ALA A 67 6.29 9.48 26.44
CA ALA A 67 7.57 9.39 27.16
C ALA A 67 7.35 9.29 28.66
N ARG A 68 6.24 9.82 29.18
CA ARG A 68 5.90 9.66 30.59
C ARG A 68 5.50 8.24 30.95
N VAL A 69 5.05 7.44 29.97
CA VAL A 69 4.60 6.10 30.30
C VAL A 69 5.78 5.23 30.70
N GLY A 70 6.86 5.29 29.93
CA GLY A 70 8.07 4.59 30.30
C GLY A 70 7.94 3.09 30.35
N THR A 71 6.86 2.55 29.80
CA THR A 71 6.80 1.12 29.51
C THR A 71 7.29 0.84 28.09
N ASP A 72 7.90 1.83 27.45
CA ASP A 72 8.45 1.70 26.10
C ASP A 72 7.45 1.06 25.15
N MET A 73 6.39 1.81 24.89
CA MET A 73 5.29 1.34 24.06
C MET A 73 5.67 1.37 22.59
N SER A 74 5.22 0.37 21.86
CA SER A 74 5.46 0.38 20.42
C SER A 74 4.62 1.47 19.75
N ARG A 75 5.11 1.92 18.60
CA ARG A 75 4.38 2.90 17.80
C ARG A 75 2.95 2.46 17.50
N ASP A 76 2.75 1.18 17.19
CA ASP A 76 1.42 0.72 16.80
C ASP A 76 0.49 0.59 18.00
N GLU A 77 1.04 0.30 19.17
CA GLU A 77 0.22 0.27 20.38
C GLU A 77 -0.32 1.65 20.70
N ILE A 78 0.48 2.68 20.45
CA ILE A 78 0.02 4.05 20.65
C ILE A 78 -1.09 4.36 19.65
N LEU A 79 -0.85 4.04 18.37
CA LEU A 79 -1.79 4.35 17.31
C LEU A 79 -3.13 3.65 17.54
N GLN A 80 -3.10 2.37 17.89
CA GLN A 80 -4.37 1.65 18.08
C GLN A 80 -5.12 2.16 19.30
N ALA A 81 -4.40 2.55 20.37
CA ALA A 81 -5.06 3.13 21.53
C ALA A 81 -5.75 4.43 21.15
N HIS A 82 -5.12 5.20 20.27
CA HIS A 82 -5.71 6.42 19.77
C HIS A 82 -6.93 6.12 18.91
N ALA A 83 -6.82 5.10 18.04
CA ALA A 83 -7.92 4.70 17.17
C ALA A 83 -9.16 4.33 17.98
N ARG A 84 -8.97 3.65 19.11
CA ARG A 84 -10.12 3.28 19.93
C ARG A 84 -10.76 4.52 20.55
N HIS A 85 -9.97 5.39 21.14
CA HIS A 85 -10.56 6.52 21.83
C HIS A 85 -11.10 7.56 20.84
N GLU A 86 -10.44 7.76 19.70
CA GLU A 86 -10.92 8.76 18.75
C GLU A 86 -12.28 8.38 18.17
N SER A 87 -12.43 7.13 17.72
CA SER A 87 -13.68 6.75 17.06
C SER A 87 -14.83 6.66 18.05
N ARG A 88 -14.57 6.21 19.28
CA ARG A 88 -15.61 6.23 20.30
C ARG A 88 -16.01 7.66 20.67
N GLN A 89 -15.05 8.58 20.70
CA GLN A 89 -15.39 9.97 21.04
C GLN A 89 -16.09 10.68 19.89
N GLN A 90 -15.74 10.35 18.64
CA GLN A 90 -16.49 10.85 17.49
C GLN A 90 -17.93 10.34 17.47
N ALA A 91 -18.20 9.18 18.07
CA ALA A 91 -19.59 8.75 18.13
C ALA A 91 -20.31 9.43 19.29
N GLN A 92 -19.58 9.68 20.38
CA GLN A 92 -20.16 10.30 21.57
C GLN A 92 -20.61 11.73 21.28
N THR A 93 -19.75 12.55 20.69
CA THR A 93 -20.03 13.96 20.37
C THR A 93 -19.79 14.18 18.89
N PRO A 94 -20.77 13.82 18.04
CA PRO A 94 -20.58 13.97 16.58
C PRO A 94 -20.41 15.42 16.12
N GLY A 95 -20.92 16.40 16.86
CA GLY A 95 -20.82 17.78 16.46
C GLY A 95 -19.62 18.55 16.97
N LYS A 96 -18.70 17.90 17.67
CA LYS A 96 -17.55 18.60 18.24
C LYS A 96 -16.50 18.82 17.15
N PRO A 97 -15.99 20.04 16.97
CA PRO A 97 -14.89 20.25 16.00
C PRO A 97 -13.71 19.35 16.32
N TYR A 98 -13.12 18.77 15.27
CA TYR A 98 -11.99 17.86 15.45
C TYR A 98 -10.93 18.45 16.37
N ARG A 99 -10.59 19.73 16.18
CA ARG A 99 -9.54 20.33 16.98
C ARG A 99 -9.89 20.40 18.46
N ASP A 100 -11.18 20.29 18.82
CA ASP A 100 -11.64 20.25 20.20
C ASP A 100 -11.90 18.83 20.68
N LEU A 101 -11.97 17.87 19.76
CA LEU A 101 -12.19 16.47 20.07
C LEU A 101 -10.88 15.77 20.38
N LEU A 102 -9.82 16.09 19.64
CA LEU A 102 -8.51 15.50 19.95
C LEU A 102 -8.04 15.80 21.38
N PRO A 103 -8.23 17.00 21.94
CA PRO A 103 -7.87 17.20 23.36
C PRO A 103 -8.50 16.17 24.31
N ILE A 104 -9.73 15.75 24.03
CA ILE A 104 -10.38 14.74 24.87
C ILE A 104 -9.74 13.36 24.69
N VAL A 105 -9.29 13.05 23.48
CA VAL A 105 -8.65 11.78 23.21
C VAL A 105 -7.29 11.71 23.90
N TYR A 106 -6.53 12.80 23.84
CA TYR A 106 -5.30 12.90 24.62
C TYR A 106 -5.55 12.59 26.09
N LYS A 107 -6.58 13.22 26.67
CA LYS A 107 -6.92 12.96 28.07
C LYS A 107 -7.27 11.49 28.29
N ARG A 108 -8.12 10.91 27.41
CA ARG A 108 -8.51 9.52 27.58
C ARG A 108 -7.29 8.60 27.53
N LEU A 109 -6.33 8.91 26.67
CA LEU A 109 -5.08 8.14 26.59
C LEU A 109 -4.28 8.26 27.89
N ALA A 110 -4.06 9.50 28.34
CA ALA A 110 -3.32 9.75 29.58
C ALA A 110 -3.92 8.99 30.76
N GLU A 111 -5.24 9.03 30.92
CA GLU A 111 -5.86 8.36 32.04
C GLU A 111 -5.73 6.85 31.92
N GLN A 112 -5.93 6.32 30.71
CA GLN A 112 -5.73 4.90 30.45
C GLN A 112 -4.31 4.47 30.83
N TRP A 113 -3.32 5.31 30.53
CA TRP A 113 -1.95 4.95 30.82
C TRP A 113 -1.52 5.31 32.24
N GLY A 114 -2.35 6.02 33.00
CA GLY A 114 -2.03 6.30 34.38
C GLY A 114 -0.99 7.36 34.61
N VAL A 115 -0.75 8.24 33.63
CA VAL A 115 0.28 9.26 33.78
C VAL A 115 -0.39 10.62 33.98
N PRO A 116 0.30 11.60 34.59
CA PRO A 116 -0.28 12.94 34.75
C PRO A 116 -0.18 13.75 33.47
N PHE A 117 -0.95 14.82 33.43
CA PHE A 117 -1.11 15.64 32.23
C PHE A 117 -1.90 16.87 32.61
N SER A 118 -1.96 17.80 31.67
CA SER A 118 -2.61 19.09 31.89
C SER A 118 -3.60 19.36 30.77
N GLN A 119 -4.60 20.19 31.06
CA GLN A 119 -5.53 20.57 30.00
C GLN A 119 -4.83 21.34 28.89
N ALA A 120 -3.80 22.13 29.25
CA ALA A 120 -3.07 22.90 28.24
C ALA A 120 -2.38 21.98 27.23
N GLU A 121 -1.86 20.83 27.70
CA GLU A 121 -1.26 19.85 26.80
C GLU A 121 -2.28 19.23 25.87
N CYS A 122 -3.48 18.92 26.39
CA CYS A 122 -4.58 18.44 25.55
C CYS A 122 -4.88 19.40 24.42
N GLU A 123 -5.07 20.68 24.75
CA GLU A 123 -5.44 21.63 23.73
C GLU A 123 -4.32 21.81 22.71
N GLU A 124 -3.07 21.76 23.16
N GLU A 124 -3.07 21.77 23.17
CA GLU A 124 -1.95 21.87 22.24
CA GLU A 124 -1.93 21.86 22.25
C GLU A 124 -1.91 20.68 21.27
C GLU A 124 -1.91 20.68 21.27
N TYR A 125 -2.22 19.48 21.77
CA TYR A 125 -2.25 18.32 20.89
C TYR A 125 -3.35 18.46 19.84
N GLY A 126 -4.48 19.09 20.20
CA GLY A 126 -5.51 19.35 19.21
C GLY A 126 -5.07 20.33 18.15
N ARG A 127 -4.17 21.23 18.49
CA ARG A 127 -3.60 22.15 17.51
C ARG A 127 -2.50 21.51 16.67
N SER A 128 -2.01 20.32 17.03
CA SER A 128 -0.86 19.79 16.31
C SER A 128 -1.21 19.30 14.92
N VAL A 129 -2.50 19.10 14.61
CA VAL A 129 -2.87 18.61 13.29
C VAL A 129 -2.28 19.46 12.17
N ARG A 130 -2.11 20.76 12.43
CA ARG A 130 -1.56 21.59 11.37
C ARG A 130 -0.11 21.25 11.06
N ASN A 131 0.56 20.48 11.93
CA ASN A 131 1.90 19.98 11.67
C ASN A 131 1.93 18.56 11.13
N TRP A 132 0.77 17.92 10.97
CA TRP A 132 0.78 16.53 10.49
C TRP A 132 1.20 16.52 9.03
N PRO A 133 2.27 15.81 8.67
CA PRO A 133 2.81 15.92 7.31
C PRO A 133 2.02 15.12 6.27
N ALA A 134 2.10 15.60 5.04
CA ALA A 134 1.62 14.83 3.90
C ALA A 134 2.53 13.64 3.62
N PHE A 135 1.92 12.53 3.21
CA PHE A 135 2.68 11.53 2.46
C PHE A 135 3.35 12.24 1.28
N VAL A 136 4.62 11.91 1.01
CA VAL A 136 5.34 12.72 0.02
C VAL A 136 4.85 12.50 -1.41
N ASP A 137 4.09 11.45 -1.68
CA ASP A 137 3.55 11.31 -3.03
C ASP A 137 2.23 12.04 -3.21
N SER A 138 1.65 12.58 -2.12
CA SER A 138 0.31 13.19 -2.21
C SER A 138 0.27 14.45 -3.06
N PRO A 139 1.14 15.45 -2.87
CA PRO A 139 1.03 16.65 -3.71
C PRO A 139 1.13 16.33 -5.18
N GLY A 140 2.17 15.58 -5.57
CA GLY A 140 2.33 15.23 -6.97
C GLY A 140 1.15 14.46 -7.53
N ALA A 141 0.64 13.48 -6.78
CA ALA A 141 -0.45 12.66 -7.29
C ALA A 141 -1.74 13.47 -7.43
N LEU A 142 -2.04 14.32 -6.45
CA LEU A 142 -3.25 15.14 -6.56
C LEU A 142 -3.15 16.11 -7.72
N GLN A 143 -1.97 16.71 -7.95
CA GLN A 143 -1.84 17.64 -9.07
C GLN A 143 -1.99 16.93 -10.41
N TYR A 144 -1.47 15.71 -10.53
CA TYR A 144 -1.74 14.91 -11.71
C TYR A 144 -3.23 14.66 -11.87
N LEU A 145 -3.89 14.18 -10.81
CA LEU A 145 -5.29 13.79 -10.96
C LEU A 145 -6.19 14.98 -11.20
N LYS A 146 -5.76 16.17 -10.75
CA LYS A 146 -6.52 17.39 -10.97
C LYS A 146 -6.80 17.62 -12.44
N LYS A 147 -5.91 17.15 -13.34
CA LYS A 147 -6.09 17.40 -14.76
C LYS A 147 -7.18 16.54 -15.38
N TYR A 148 -7.54 15.41 -14.74
CA TYR A 148 -8.53 14.47 -15.25
C TYR A 148 -9.78 14.36 -14.40
N TYR A 149 -9.76 14.80 -13.15
CA TYR A 149 -10.82 14.50 -12.21
C TYR A 149 -11.16 15.74 -11.44
N LYS A 150 -12.44 15.91 -11.14
CA LYS A 150 -12.77 16.81 -10.05
C LYS A 150 -12.41 16.10 -8.76
N LEU A 151 -11.82 16.83 -7.82
CA LEU A 151 -11.30 16.27 -6.57
C LEU A 151 -12.18 16.74 -5.42
N ILE A 152 -12.69 15.79 -4.65
CA ILE A 152 -13.55 16.05 -3.50
C ILE A 152 -12.88 15.52 -2.25
N ILE A 153 -12.96 16.28 -1.16
CA ILE A 153 -12.52 15.82 0.15
C ILE A 153 -13.75 15.45 0.97
N LEU A 154 -13.75 14.25 1.53
CA LEU A 154 -14.72 13.87 2.56
C LEU A 154 -13.93 13.45 3.79
N SER A 155 -13.92 14.28 4.83
CA SER A 155 -12.90 14.19 5.86
C SER A 155 -13.47 14.37 7.27
N ASN A 156 -12.85 13.67 8.21
CA ASN A 156 -13.11 13.81 9.65
C ASN A 156 -12.20 14.92 10.19
N VAL A 157 -12.67 16.16 10.12
CA VAL A 157 -11.81 17.31 10.40
C VAL A 157 -12.71 18.52 10.53
N ASP A 158 -12.18 19.58 11.11
CA ASP A 158 -12.86 20.86 11.05
C ASP A 158 -12.21 21.74 9.98
N ASN A 159 -12.93 22.79 9.59
CA ASN A 159 -12.51 23.54 8.41
C ASN A 159 -11.27 24.38 8.68
N LYS A 160 -11.22 25.01 9.86
CA LYS A 160 -10.03 25.76 10.26
C LYS A 160 -8.78 24.90 10.20
N THR A 161 -8.87 23.69 10.77
CA THR A 161 -7.73 22.79 10.76
C THR A 161 -7.37 22.34 9.34
N PHE A 162 -8.36 22.03 8.53
CA PHE A 162 -8.06 21.45 7.24
C PHE A 162 -7.33 22.42 6.31
N GLN A 163 -7.54 23.74 6.48
CA GLN A 163 -6.82 24.71 5.65
C GLN A 163 -5.31 24.50 5.74
N TYR A 164 -4.80 24.15 6.94
CA TYR A 164 -3.36 23.93 7.07
C TYR A 164 -2.92 22.68 6.31
N SER A 165 -3.75 21.63 6.29
CA SER A 165 -3.41 20.43 5.52
C SER A 165 -3.55 20.68 4.02
N ASN A 166 -4.56 21.43 3.62
CA ASN A 166 -4.75 21.80 2.23
C ASN A 166 -3.51 22.53 1.67
N GLU A 167 -2.88 23.39 2.48
CA GLU A 167 -1.64 24.04 2.07
C GLU A 167 -0.53 23.03 1.81
N LYS A 168 -0.39 22.05 2.70
CA LYS A 168 0.60 20.98 2.48
C LYS A 168 0.30 20.15 1.23
N LEU A 169 -0.98 19.97 0.88
CA LEU A 169 -1.28 19.09 -0.25
C LEU A 169 -1.13 19.79 -1.60
N GLN A 170 -1.16 21.13 -1.59
CA GLN A 170 -0.80 21.96 -2.75
C GLN A 170 -1.64 21.64 -3.97
N VAL A 171 -2.95 21.61 -3.78
CA VAL A 171 -3.91 21.46 -4.87
C VAL A 171 -5.19 22.15 -4.42
N GLU A 172 -6.04 22.48 -5.37
CA GLU A 172 -7.33 23.08 -5.05
C GLU A 172 -8.40 22.03 -5.20
N PHE A 173 -9.16 21.81 -4.14
CA PHE A 173 -10.25 20.84 -4.18
C PHE A 173 -11.53 21.50 -4.69
N ASP A 174 -12.25 20.77 -5.54
CA ASP A 174 -13.51 21.24 -6.08
C ASP A 174 -14.59 21.30 -5.00
N ALA A 175 -14.49 20.44 -3.98
CA ALA A 175 -15.36 20.54 -2.82
C ALA A 175 -14.69 19.90 -1.61
N ILE A 176 -14.96 20.47 -0.43
CA ILE A 176 -14.45 19.98 0.86
C ILE A 176 -15.66 19.72 1.77
N TYR A 177 -16.00 18.44 1.99
CA TYR A 177 -17.14 18.06 2.83
C TYR A 177 -16.59 17.51 4.15
N SER A 178 -16.51 18.36 5.15
CA SER A 178 -15.90 18.01 6.43
C SER A 178 -16.93 17.56 7.46
N ALA A 179 -16.44 16.90 8.51
CA ALA A 179 -17.31 16.53 9.62
C ALA A 179 -17.96 17.73 10.26
N GLU A 180 -17.28 18.89 10.27
CA GLU A 180 -17.87 20.11 10.79
C GLU A 180 -19.09 20.52 9.97
N ASP A 181 -18.94 20.53 8.62
CA ASP A 181 -20.07 20.76 7.73
C ASP A 181 -21.21 19.78 8.02
N VAL A 182 -20.86 18.51 8.28
CA VAL A 182 -21.86 17.45 8.33
C VAL A 182 -22.60 17.46 9.66
N GLY A 183 -21.90 17.72 10.75
CA GLY A 183 -22.46 17.45 12.06
C GLY A 183 -22.16 16.07 12.59
N ALA A 184 -21.34 15.29 11.90
CA ALA A 184 -21.02 13.93 12.27
C ALA A 184 -19.70 13.54 11.63
N TYR A 185 -19.12 12.44 12.11
CA TYR A 185 -17.87 11.91 11.59
C TYR A 185 -18.14 10.62 10.82
N LYS A 186 -17.32 10.35 9.80
CA LYS A 186 -17.33 9.03 9.21
C LYS A 186 -17.02 7.99 10.29
N PRO A 187 -17.63 6.79 10.24
CA PRO A 187 -18.44 6.21 9.16
C PRO A 187 -19.95 6.51 9.17
N SER A 188 -20.40 7.57 9.82
CA SER A 188 -21.83 7.86 9.86
C SER A 188 -22.44 7.96 8.46
N ASP A 189 -23.67 7.45 8.30
CA ASP A 189 -24.42 7.66 7.08
C ASP A 189 -24.49 9.13 6.68
N ARG A 190 -24.48 10.02 7.67
CA ARG A 190 -24.73 11.43 7.43
C ARG A 190 -23.67 12.08 6.56
N ASN A 191 -22.41 11.66 6.71
CA ASN A 191 -21.32 12.24 5.91
C ASN A 191 -21.51 11.92 4.43
N PHE A 192 -21.92 10.70 4.12
CA PHE A 192 -22.15 10.31 2.74
C PHE A 192 -23.44 10.90 2.18
N GLU A 193 -24.50 10.97 2.99
CA GLU A 193 -25.70 11.68 2.55
C GLU A 193 -25.38 13.14 2.24
N TYR A 194 -24.58 13.79 3.10
CA TYR A 194 -24.26 15.19 2.90
C TYR A 194 -23.56 15.40 1.56
N MET A 195 -22.56 14.55 1.28
CA MET A 195 -21.87 14.64 0.00
C MET A 195 -22.83 14.45 -1.18
N ASN A 196 -23.65 13.40 -1.15
CA ASN A 196 -24.62 13.16 -2.23
C ASN A 196 -25.57 14.35 -2.38
N GLY A 197 -25.84 15.08 -1.31
CA GLY A 197 -26.72 16.22 -1.41
C GLY A 197 -26.10 17.48 -1.97
N HIS A 198 -24.77 17.53 -2.11
CA HIS A 198 -24.11 18.72 -2.62
C HIS A 198 -23.38 18.53 -3.94
N ILE A 199 -23.02 17.30 -4.32
CA ILE A 199 -22.28 17.10 -5.57
C ILE A 199 -23.08 17.52 -6.81
N GLY A 200 -24.41 17.63 -6.70
CA GLY A 200 -25.18 18.22 -7.78
C GLY A 200 -24.65 19.58 -8.20
N ASP A 201 -24.19 20.39 -7.23
CA ASP A 201 -23.69 21.73 -7.51
C ASP A 201 -22.38 21.72 -8.30
N LEU A 202 -21.71 20.58 -8.37
CA LEU A 202 -20.53 20.38 -9.21
C LEU A 202 -20.89 19.67 -10.52
N GLY A 203 -22.18 19.47 -10.79
CA GLY A 203 -22.57 18.74 -11.98
C GLY A 203 -22.31 17.25 -11.93
N LEU A 204 -22.45 16.63 -10.75
CA LEU A 204 -22.07 15.23 -10.56
C LEU A 204 -23.21 14.44 -9.94
N GLU A 205 -23.23 13.14 -10.24
CA GLU A 205 -24.11 12.17 -9.60
C GLU A 205 -23.26 11.15 -8.86
N PRO A 206 -23.82 10.46 -7.86
CA PRO A 206 -23.01 9.47 -7.12
C PRO A 206 -22.29 8.45 -8.02
N GLY A 207 -22.90 8.04 -9.14
CA GLY A 207 -22.24 7.08 -10.02
C GLY A 207 -20.99 7.61 -10.70
N ASP A 208 -20.78 8.94 -10.71
CA ASP A 208 -19.60 9.55 -11.32
C ASP A 208 -18.36 9.48 -10.44
N ILE A 209 -18.49 9.06 -9.17
CA ILE A 209 -17.47 9.30 -8.17
C ILE A 209 -16.80 7.99 -7.77
N LEU A 210 -15.48 7.97 -7.81
CA LEU A 210 -14.71 6.90 -7.23
C LEU A 210 -14.22 7.33 -5.85
N HIS A 211 -14.66 6.64 -4.78
CA HIS A 211 -14.28 7.01 -3.43
C HIS A 211 -12.95 6.35 -3.06
N THR A 212 -11.96 7.17 -2.74
CA THR A 212 -10.57 6.74 -2.65
C THR A 212 -10.05 7.00 -1.24
N ALA A 213 -9.68 5.93 -0.54
CA ALA A 213 -9.42 6.04 0.89
C ALA A 213 -8.54 4.91 1.40
N GLU A 214 -7.94 5.15 2.56
CA GLU A 214 -7.12 4.15 3.23
C GLU A 214 -7.89 3.29 4.23
N SER A 215 -8.98 3.81 4.79
CA SER A 215 -9.59 3.24 5.98
C SER A 215 -10.76 2.35 5.57
N LEU A 216 -10.66 1.06 5.88
CA LEU A 216 -11.78 0.16 5.64
C LEU A 216 -12.98 0.54 6.51
N PHE A 217 -12.70 0.90 7.77
CA PHE A 217 -13.76 1.18 8.75
C PHE A 217 -14.44 2.52 8.50
N HIS A 218 -13.66 3.59 8.33
CA HIS A 218 -14.24 4.92 8.14
C HIS A 218 -14.86 5.07 6.75
N ASP A 219 -14.31 4.41 5.74
CA ASP A 219 -14.65 4.78 4.37
C ASP A 219 -15.25 3.65 3.55
N HIS A 220 -14.62 2.47 3.52
CA HIS A 220 -15.07 1.50 2.52
C HIS A 220 -16.28 0.71 2.96
N VAL A 221 -16.46 0.42 4.25
CA VAL A 221 -17.75 -0.14 4.69
C VAL A 221 -18.89 0.79 4.33
N PRO A 222 -18.86 2.09 4.65
CA PRO A 222 -19.99 2.95 4.25
C PRO A 222 -20.05 3.23 2.75
N ALA A 223 -18.92 3.29 2.05
CA ALA A 223 -18.98 3.49 0.61
C ALA A 223 -19.73 2.34 -0.05
N ARG A 224 -19.38 1.10 0.33
CA ARG A 224 -20.09 -0.05 -0.21
C ARG A 224 -21.57 0.00 0.14
N LYS A 225 -21.90 0.42 1.36
CA LYS A 225 -23.29 0.48 1.79
C LYS A 225 -24.10 1.44 0.91
N PHE A 226 -23.50 2.53 0.46
CA PHE A 226 -24.11 3.48 -0.44
C PHE A 226 -23.91 3.13 -1.92
N GLY A 227 -23.38 1.95 -2.22
CA GLY A 227 -23.19 1.55 -3.61
C GLY A 227 -22.21 2.38 -4.42
N MET A 228 -21.24 3.03 -3.78
CA MET A 228 -20.19 3.75 -4.49
C MET A 228 -19.12 2.80 -5.01
N ALA A 229 -18.59 3.09 -6.19
CA ALA A 229 -17.31 2.52 -6.58
C ALA A 229 -16.23 3.02 -5.62
N ASN A 230 -15.35 2.13 -5.17
CA ASN A 230 -14.34 2.50 -4.19
C ASN A 230 -12.95 1.98 -4.57
N CYS A 231 -11.94 2.69 -4.10
CA CYS A 231 -10.54 2.37 -4.38
C CYS A 231 -9.78 2.43 -3.07
N TRP A 232 -9.20 1.31 -2.66
CA TRP A 232 -8.47 1.23 -1.41
C TRP A 232 -6.99 1.60 -1.62
N ILE A 233 -6.53 2.66 -0.97
CA ILE A 233 -5.12 3.02 -0.94
C ILE A 233 -4.51 2.39 0.32
N TYR A 234 -3.82 1.27 0.14
CA TYR A 234 -3.33 0.45 1.26
C TYR A 234 -1.98 0.99 1.78
N ARG A 235 -2.06 2.12 2.48
CA ARG A 235 -0.85 2.78 2.98
C ARG A 235 -0.03 1.87 3.88
N ARG A 236 -0.71 1.05 4.71
CA ARG A 236 -0.03 0.16 5.65
C ARG A 236 0.26 -1.23 5.08
N HIS A 237 0.44 -1.33 3.76
CA HIS A 237 0.65 -2.62 3.11
C HIS A 237 1.89 -3.34 3.62
N ALA A 238 2.93 -2.61 4.04
CA ALA A 238 4.15 -3.21 4.59
C ALA A 238 4.20 -3.14 6.11
N GLN A 239 3.05 -3.09 6.79
CA GLN A 239 3.04 -2.92 8.22
C GLN A 239 2.01 -3.87 8.83
N GLU A 240 2.12 -4.07 10.12
CA GLU A 240 1.27 -5.01 10.83
C GLU A 240 0.10 -4.25 11.44
N GLY A 241 -1.13 -4.67 11.10
CA GLY A 241 -2.33 -4.15 11.73
C GLY A 241 -2.76 -2.81 11.18
N PHE A 242 -3.82 -2.29 11.78
CA PHE A 242 -4.51 -1.11 11.28
C PHE A 242 -3.99 0.22 11.83
N GLY A 243 -3.06 0.22 12.78
CA GLY A 243 -2.56 1.48 13.30
C GLY A 243 -3.62 2.46 13.79
N ALA A 244 -3.66 3.66 13.20
CA ALA A 244 -4.54 4.68 13.74
C ALA A 244 -5.99 4.54 13.27
N THR A 245 -6.28 3.65 12.34
CA THR A 245 -7.68 3.46 11.93
C THR A 245 -8.27 2.31 12.71
N MET A 246 -9.46 2.54 13.23
CA MET A 246 -10.24 1.53 13.90
C MET A 246 -10.41 0.29 13.02
N THR A 247 -10.44 -0.86 13.66
CA THR A 247 -10.69 -2.11 12.96
C THR A 247 -12.13 -2.15 12.47
N PRO A 248 -12.38 -2.55 11.23
CA PRO A 248 -13.77 -2.72 10.78
C PRO A 248 -14.37 -3.99 11.37
N SER A 249 -15.66 -3.92 11.66
CA SER A 249 -16.42 -5.09 12.10
C SER A 249 -16.24 -6.23 11.11
N HIS A 250 -16.64 -5.98 9.86
CA HIS A 250 -16.49 -6.94 8.78
C HIS A 250 -15.73 -6.25 7.65
N GLU A 251 -14.69 -6.90 7.14
CA GLU A 251 -13.83 -6.25 6.16
C GLU A 251 -14.56 -6.12 4.83
N PRO A 252 -14.62 -4.91 4.25
CA PRO A 252 -15.42 -4.69 3.05
C PRO A 252 -14.67 -5.07 1.78
N THR A 253 -15.42 -5.19 0.69
CA THR A 253 -14.78 -5.37 -0.60
C THR A 253 -14.43 -4.00 -1.18
N TYR A 254 -13.67 -4.02 -2.28
CA TYR A 254 -13.22 -2.81 -2.94
C TYR A 254 -13.04 -3.11 -4.42
N ASP A 255 -13.17 -2.08 -5.25
CA ASP A 255 -13.03 -2.24 -6.70
C ASP A 255 -11.60 -2.06 -7.17
N PHE A 256 -10.83 -1.21 -6.51
CA PHE A 256 -9.42 -1.04 -6.84
C PHE A 256 -8.60 -1.06 -5.57
N ARG A 257 -7.33 -1.42 -5.73
CA ARG A 257 -6.41 -1.37 -4.62
C ARG A 257 -5.03 -1.01 -5.14
N PHE A 258 -4.41 -0.03 -4.50
CA PHE A 258 -3.02 0.33 -4.76
C PHE A 258 -2.33 0.58 -3.43
N ASN A 259 -1.02 0.31 -3.41
CA ASN A 259 -0.18 0.56 -2.25
C ASN A 259 0.09 2.04 -1.99
N SER A 260 -0.18 2.93 -2.93
CA SER A 260 0.18 4.32 -2.76
C SER A 260 -0.58 5.16 -3.77
N MET A 261 -0.53 6.48 -3.58
CA MET A 261 -1.08 7.39 -4.58
C MET A 261 -0.25 7.38 -5.86
N ALA A 262 1.07 7.17 -5.75
CA ALA A 262 1.91 7.04 -6.94
C ALA A 262 1.48 5.87 -7.80
N ASP A 263 1.15 4.74 -7.18
CA ASP A 263 0.72 3.57 -7.95
C ASP A 263 -0.66 3.77 -8.57
N LEU A 264 -1.52 4.58 -7.94
CA LEU A 264 -2.79 4.92 -8.56
C LEU A 264 -2.55 5.71 -9.85
N VAL A 265 -1.62 6.66 -9.81
CA VAL A 265 -1.29 7.46 -10.99
C VAL A 265 -0.65 6.58 -12.06
N LYS A 266 0.20 5.63 -11.65
CA LYS A 266 0.79 4.71 -12.61
C LYS A 266 -0.27 3.88 -13.32
N ALA A 267 -1.27 3.37 -12.58
CA ALA A 267 -2.32 2.60 -13.22
C ALA A 267 -3.12 3.45 -14.20
N HIS A 268 -3.38 4.72 -13.84
CA HIS A 268 -4.18 5.59 -14.69
C HIS A 268 -3.45 5.94 -15.99
N GLN A 269 -2.16 6.26 -15.90
CA GLN A 269 -1.33 6.44 -17.10
C GLN A 269 -1.37 5.21 -17.97
N GLU A 270 -1.39 4.01 -17.37
CA GLU A 270 -1.48 2.79 -18.13
C GLU A 270 -2.77 2.71 -18.93
N GLU A 271 -3.91 3.00 -18.29
CA GLU A 271 -5.18 2.96 -19.01
C GLU A 271 -5.13 3.88 -20.22
N LEU A 272 -4.47 5.03 -20.09
CA LEU A 272 -4.47 6.00 -21.17
C LEU A 272 -3.70 5.49 -22.38
N ARG A 273 -2.61 4.77 -22.16
CA ARG A 273 -1.88 4.24 -23.30
C ARG A 273 -2.49 2.97 -23.87
N ASN A 274 -3.24 2.20 -23.06
CA ASN A 274 -3.96 1.02 -23.57
C ASN A 274 -5.33 1.37 -24.15
N MET B 35 7.67 -20.57 27.63
CA MET B 35 6.91 -21.02 26.46
C MET B 35 6.81 -19.91 25.41
N ARG B 36 7.53 -20.05 24.29
CA ARG B 36 7.74 -18.92 23.39
C ARG B 36 7.53 -19.27 21.93
N LEU B 37 7.18 -18.25 21.15
CA LEU B 37 6.89 -18.43 19.73
C LEU B 37 8.12 -18.93 18.98
N GLY B 38 9.29 -18.40 19.30
CA GLY B 38 10.52 -18.81 18.63
C GLY B 38 10.96 -20.23 18.93
N ASP B 39 10.35 -20.89 19.93
CA ASP B 39 10.69 -22.28 20.20
C ASP B 39 10.37 -23.19 19.02
N TYR B 40 9.27 -22.91 18.32
CA TYR B 40 8.77 -23.85 17.32
C TYR B 40 9.48 -23.66 15.99
N LYS B 41 9.62 -24.76 15.26
CA LYS B 41 10.18 -24.72 13.92
C LYS B 41 9.12 -24.47 12.85
N ALA B 42 7.84 -24.61 13.17
CA ALA B 42 6.81 -24.63 12.13
C ALA B 42 5.48 -24.24 12.72
N LEU B 43 4.67 -23.63 11.88
CA LEU B 43 3.29 -23.30 12.21
C LEU B 43 2.39 -24.07 11.26
N SER B 44 1.39 -24.72 11.85
CA SER B 44 0.36 -25.40 11.06
C SER B 44 -0.86 -24.49 11.17
N PHE B 45 -1.60 -24.34 10.09
CA PHE B 45 -2.68 -23.34 10.12
C PHE B 45 -4.01 -23.85 9.60
N ASP B 46 -5.09 -23.46 10.25
CA ASP B 46 -6.42 -23.67 9.66
C ASP B 46 -6.47 -22.61 8.55
N CYS B 47 -7.26 -22.82 7.51
CA CYS B 47 -7.37 -21.76 6.48
C CYS B 47 -8.66 -20.95 6.64
N TYR B 48 -9.81 -21.60 6.55
CA TYR B 48 -11.06 -20.85 6.45
C TYR B 48 -11.55 -20.48 7.85
N GLY B 49 -11.57 -19.16 8.12
CA GLY B 49 -11.81 -18.62 9.43
C GLY B 49 -10.57 -18.05 10.09
N THR B 50 -9.39 -18.49 9.67
CA THR B 50 -8.13 -18.03 10.24
C THR B 50 -7.36 -17.16 9.25
N LEU B 51 -7.19 -17.65 8.03
CA LEU B 51 -6.49 -16.94 6.96
C LEU B 51 -7.44 -16.41 5.89
N ILE B 52 -8.44 -17.20 5.51
CA ILE B 52 -9.50 -16.76 4.62
C ILE B 52 -10.71 -16.41 5.47
N ASP B 53 -11.30 -15.25 5.18
CA ASP B 53 -12.51 -14.79 5.87
C ASP B 53 -13.71 -15.54 5.27
N TRP B 54 -13.91 -16.78 5.76
CA TRP B 54 -14.97 -17.59 5.17
C TRP B 54 -16.37 -17.14 5.59
N GLU B 55 -16.50 -16.46 6.73
CA GLU B 55 -17.81 -15.94 7.15
C GLU B 55 -18.32 -14.87 6.17
N SER B 56 -17.48 -13.90 5.82
CA SER B 56 -17.87 -12.95 4.78
C SER B 56 -18.08 -13.64 3.44
N GLY B 57 -17.23 -14.64 3.14
CA GLY B 57 -17.34 -15.35 1.87
C GLY B 57 -18.65 -16.10 1.73
N MET B 58 -19.02 -16.89 2.75
CA MET B 58 -20.27 -17.63 2.64
C MET B 58 -21.49 -16.72 2.74
N ILE B 59 -21.42 -15.67 3.55
CA ILE B 59 -22.52 -14.69 3.59
C ILE B 59 -22.79 -14.15 2.18
N GLU B 60 -21.74 -13.86 1.42
CA GLU B 60 -21.92 -13.39 0.04
C GLU B 60 -22.41 -14.51 -0.86
N GLY B 61 -21.85 -15.72 -0.72
CA GLY B 61 -22.28 -16.83 -1.55
C GLY B 61 -23.72 -17.25 -1.32
N LEU B 62 -24.27 -16.95 -0.14
CA LEU B 62 -25.65 -17.27 0.21
C LEU B 62 -26.57 -16.07 0.09
N ARG B 63 -26.09 -14.94 -0.46
CA ARG B 63 -26.87 -13.69 -0.41
C ARG B 63 -28.22 -13.82 -1.13
N GLU B 64 -28.21 -14.34 -2.36
CA GLU B 64 -29.47 -14.52 -3.10
C GLU B 64 -30.41 -15.49 -2.38
N LEU B 65 -29.85 -16.52 -1.75
CA LEU B 65 -30.71 -17.46 -1.03
C LEU B 65 -31.32 -16.80 0.20
N THR B 66 -30.50 -16.12 1.02
CA THR B 66 -31.04 -15.50 2.24
C THR B 66 -31.97 -14.35 1.93
N ALA B 67 -31.76 -13.65 0.80
CA ALA B 67 -32.73 -12.65 0.38
C ALA B 67 -34.09 -13.27 0.08
N ARG B 68 -34.11 -14.53 -0.39
CA ARG B 68 -35.37 -15.19 -0.71
C ARG B 68 -36.22 -15.42 0.54
N VAL B 69 -35.60 -15.64 1.68
CA VAL B 69 -36.36 -15.89 2.91
C VAL B 69 -37.13 -14.64 3.32
N GLY B 70 -36.51 -13.47 3.20
CA GLY B 70 -37.18 -12.22 3.47
C GLY B 70 -37.54 -11.95 4.92
N THR B 71 -37.30 -12.90 5.83
CA THR B 71 -37.47 -12.66 7.26
C THR B 71 -36.23 -11.95 7.87
N ASP B 72 -35.33 -11.47 7.03
CA ASP B 72 -34.20 -10.61 7.43
C ASP B 72 -33.40 -11.24 8.59
N MET B 73 -32.87 -12.43 8.32
CA MET B 73 -32.09 -13.14 9.34
C MET B 73 -30.80 -12.39 9.65
N SER B 74 -30.35 -12.51 10.90
CA SER B 74 -29.06 -11.94 11.24
C SER B 74 -27.92 -12.75 10.62
N ARG B 75 -26.76 -12.11 10.53
CA ARG B 75 -25.55 -12.75 10.01
C ARG B 75 -25.15 -13.93 10.87
N ASP B 76 -25.22 -13.79 12.20
CA ASP B 76 -24.92 -14.94 13.05
C ASP B 76 -25.94 -16.05 12.91
N GLU B 77 -27.20 -15.71 12.62
CA GLU B 77 -28.19 -16.76 12.42
C GLU B 77 -27.86 -17.58 11.17
N ILE B 78 -27.56 -16.92 10.06
CA ILE B 78 -27.18 -17.61 8.82
C ILE B 78 -25.94 -18.46 9.06
N LEU B 79 -24.93 -17.88 9.74
CA LEU B 79 -23.67 -18.58 9.96
C LEU B 79 -23.85 -19.81 10.86
N GLN B 80 -24.71 -19.72 11.87
CA GLN B 80 -24.94 -20.87 12.73
C GLN B 80 -25.75 -21.94 12.02
N ALA B 81 -26.69 -21.53 11.18
CA ALA B 81 -27.47 -22.49 10.40
C ALA B 81 -26.56 -23.26 9.44
N HIS B 82 -25.62 -22.56 8.81
CA HIS B 82 -24.65 -23.19 7.90
C HIS B 82 -23.72 -24.12 8.66
N ALA B 83 -23.30 -23.73 9.87
CA ALA B 83 -22.41 -24.56 10.68
C ALA B 83 -23.08 -25.86 11.07
N ARG B 84 -24.38 -25.82 11.38
CA ARG B 84 -25.10 -27.03 11.74
C ARG B 84 -25.12 -28.01 10.58
N HIS B 85 -25.42 -27.52 9.37
CA HIS B 85 -25.54 -28.46 8.26
C HIS B 85 -24.18 -28.88 7.71
N GLU B 86 -23.20 -27.97 7.69
CA GLU B 86 -21.86 -28.33 7.22
C GLU B 86 -21.21 -29.39 8.11
N SER B 87 -21.27 -29.22 9.43
CA SER B 87 -20.63 -30.20 10.30
C SER B 87 -21.33 -31.54 10.23
N ARG B 88 -22.66 -31.55 10.15
CA ARG B 88 -23.39 -32.82 10.03
C ARG B 88 -23.14 -33.49 8.67
N GLN B 89 -23.05 -32.72 7.60
CA GLN B 89 -22.77 -33.34 6.32
C GLN B 89 -21.31 -33.83 6.24
N GLN B 90 -20.39 -33.11 6.91
CA GLN B 90 -19.00 -33.56 6.91
C GLN B 90 -18.84 -34.89 7.62
N ALA B 91 -19.67 -35.16 8.63
CA ALA B 91 -19.68 -36.46 9.30
C ALA B 91 -20.39 -37.51 8.47
N GLN B 92 -21.39 -37.11 7.68
CA GLN B 92 -22.19 -38.06 6.92
C GLN B 92 -21.40 -38.63 5.75
N THR B 93 -20.79 -37.76 4.94
CA THR B 93 -20.04 -38.14 3.74
C THR B 93 -18.63 -37.60 3.86
N PRO B 94 -17.77 -38.23 4.67
CA PRO B 94 -16.47 -37.62 4.97
C PRO B 94 -15.47 -37.67 3.81
N GLY B 95 -15.69 -38.52 2.80
CA GLY B 95 -14.81 -38.58 1.67
C GLY B 95 -15.20 -37.69 0.52
N LYS B 96 -16.24 -36.88 0.71
CA LYS B 96 -16.80 -36.09 -0.38
C LYS B 96 -16.05 -34.77 -0.51
N PRO B 97 -15.51 -34.44 -1.69
CA PRO B 97 -14.79 -33.17 -1.86
C PRO B 97 -15.60 -31.97 -1.40
N TYR B 98 -14.90 -30.99 -0.81
CA TYR B 98 -15.58 -29.85 -0.23
C TYR B 98 -16.41 -29.09 -1.27
N ARG B 99 -15.87 -28.93 -2.48
CA ARG B 99 -16.63 -28.24 -3.54
C ARG B 99 -17.92 -28.96 -3.88
N ASP B 100 -18.02 -30.25 -3.56
CA ASP B 100 -19.22 -31.03 -3.80
C ASP B 100 -20.08 -31.20 -2.56
N LEU B 101 -19.51 -30.98 -1.38
CA LEU B 101 -20.30 -31.08 -0.14
C LEU B 101 -21.06 -29.78 0.15
N LEU B 102 -20.46 -28.63 -0.14
CA LEU B 102 -21.17 -27.36 0.06
C LEU B 102 -22.45 -27.23 -0.76
N PRO B 103 -22.54 -27.69 -2.02
CA PRO B 103 -23.85 -27.72 -2.71
C PRO B 103 -24.96 -28.42 -1.92
N ILE B 104 -24.64 -29.44 -1.13
CA ILE B 104 -25.63 -30.13 -0.32
C ILE B 104 -26.03 -29.27 0.88
N VAL B 105 -25.04 -28.62 1.50
CA VAL B 105 -25.30 -27.68 2.59
C VAL B 105 -26.26 -26.58 2.14
N TYR B 106 -26.01 -26.00 0.96
CA TYR B 106 -26.94 -25.02 0.40
C TYR B 106 -28.34 -25.59 0.24
N LYS B 107 -28.45 -26.84 -0.23
CA LYS B 107 -29.76 -27.45 -0.37
C LYS B 107 -30.46 -27.60 0.98
N ARG B 108 -29.72 -28.06 2.01
CA ARG B 108 -30.34 -28.29 3.31
C ARG B 108 -30.87 -26.99 3.90
N LEU B 109 -30.11 -25.90 3.78
CA LEU B 109 -30.55 -24.60 4.28
C LEU B 109 -31.78 -24.10 3.52
N ALA B 110 -31.76 -24.21 2.19
CA ALA B 110 -32.92 -23.79 1.40
C ALA B 110 -34.17 -24.54 1.84
N GLU B 111 -34.07 -25.84 2.08
CA GLU B 111 -35.22 -26.63 2.51
C GLU B 111 -35.64 -26.27 3.92
N GLN B 112 -34.67 -26.03 4.81
CA GLN B 112 -34.99 -25.60 6.18
C GLN B 112 -35.73 -24.27 6.16
N TRP B 113 -35.32 -23.35 5.30
CA TRP B 113 -35.97 -22.06 5.21
C TRP B 113 -37.24 -22.06 4.35
N GLY B 114 -37.54 -23.16 3.64
CA GLY B 114 -38.77 -23.25 2.87
C GLY B 114 -38.83 -22.43 1.60
N VAL B 115 -37.69 -22.11 0.98
CA VAL B 115 -37.68 -21.30 -0.24
C VAL B 115 -37.31 -22.17 -1.45
N PRO B 116 -37.71 -21.80 -2.67
CA PRO B 116 -37.33 -22.57 -3.84
C PRO B 116 -35.88 -22.30 -4.25
N PHE B 117 -35.30 -23.30 -4.91
CA PHE B 117 -33.89 -23.24 -5.28
C PHE B 117 -33.63 -24.25 -6.38
N SER B 118 -32.50 -24.06 -7.06
CA SER B 118 -32.11 -24.95 -8.15
C SER B 118 -30.82 -25.69 -7.78
N GLN B 119 -30.63 -26.86 -8.40
CA GLN B 119 -29.38 -27.59 -8.20
C GLN B 119 -28.21 -26.80 -8.78
N ALA B 120 -28.45 -26.07 -9.87
CA ALA B 120 -27.43 -25.18 -10.41
C ALA B 120 -26.96 -24.18 -9.38
N GLU B 121 -27.90 -23.63 -8.57
CA GLU B 121 -27.50 -22.71 -7.51
C GLU B 121 -26.66 -23.42 -6.46
N CYS B 122 -27.09 -24.62 -6.05
CA CYS B 122 -26.28 -25.46 -5.17
C CYS B 122 -24.84 -25.59 -5.66
N GLU B 123 -24.67 -25.91 -6.93
CA GLU B 123 -23.32 -26.15 -7.44
C GLU B 123 -22.54 -24.86 -7.57
N GLU B 124 -23.21 -23.77 -7.92
CA GLU B 124 -22.55 -22.47 -7.94
C GLU B 124 -22.04 -22.10 -6.55
N TYR B 125 -22.80 -22.43 -5.51
CA TYR B 125 -22.35 -22.11 -4.17
C TYR B 125 -21.07 -22.85 -3.83
N GLY B 126 -20.99 -24.13 -4.19
CA GLY B 126 -19.77 -24.90 -3.92
C GLY B 126 -18.57 -24.37 -4.67
N ARG B 127 -18.78 -23.72 -5.81
CA ARG B 127 -17.71 -23.02 -6.51
C ARG B 127 -17.35 -21.68 -5.87
N SER B 128 -18.19 -21.14 -4.98
CA SER B 128 -17.97 -19.78 -4.49
C SER B 128 -16.77 -19.68 -3.56
N VAL B 129 -16.30 -20.81 -3.02
CA VAL B 129 -15.15 -20.73 -2.12
C VAL B 129 -13.97 -20.03 -2.78
N ARG B 130 -13.83 -20.16 -4.10
CA ARG B 130 -12.68 -19.51 -4.73
C ARG B 130 -12.82 -17.99 -4.74
N ASN B 131 -13.98 -17.45 -4.37
CA ASN B 131 -14.19 -16.03 -4.19
C ASN B 131 -14.07 -15.56 -2.74
N TRP B 132 -13.91 -16.47 -1.80
CA TRP B 132 -13.86 -16.08 -0.40
C TRP B 132 -12.56 -15.33 -0.15
N PRO B 133 -12.61 -14.08 0.31
CA PRO B 133 -11.38 -13.27 0.39
C PRO B 133 -10.54 -13.62 1.60
N ALA B 134 -9.23 -13.41 1.45
CA ALA B 134 -8.32 -13.41 2.59
C ALA B 134 -8.60 -12.23 3.50
N PHE B 135 -8.49 -12.47 4.82
CA PHE B 135 -8.28 -11.36 5.75
C PHE B 135 -7.13 -10.49 5.25
N VAL B 136 -7.30 -9.17 5.31
CA VAL B 136 -6.26 -8.31 4.73
C VAL B 136 -4.91 -8.51 5.39
N ASP B 137 -4.87 -8.98 6.64
CA ASP B 137 -3.57 -9.17 7.26
C ASP B 137 -2.90 -10.52 6.92
N SER B 138 -3.61 -11.47 6.29
CA SER B 138 -3.01 -12.79 6.08
C SER B 138 -1.80 -12.77 5.16
N PRO B 139 -1.84 -12.19 3.96
CA PRO B 139 -0.67 -12.33 3.06
C PRO B 139 0.62 -11.80 3.65
N GLY B 140 0.58 -10.62 4.26
CA GLY B 140 1.78 -10.08 4.89
C GLY B 140 2.25 -10.90 6.08
N ALA B 141 1.32 -11.33 6.94
CA ALA B 141 1.73 -12.17 8.07
C ALA B 141 2.41 -13.44 7.60
N LEU B 142 1.80 -14.14 6.64
CA LEU B 142 2.37 -15.39 6.14
C LEU B 142 3.73 -15.18 5.49
N GLN B 143 3.89 -14.09 4.73
CA GLN B 143 5.18 -13.81 4.08
C GLN B 143 6.26 -13.50 5.10
N TYR B 144 5.90 -12.85 6.20
CA TYR B 144 6.85 -12.66 7.30
C TYR B 144 7.18 -14.00 7.96
N LEU B 145 6.15 -14.74 8.38
CA LEU B 145 6.37 -15.97 9.12
C LEU B 145 7.12 -17.02 8.29
N LYS B 146 6.98 -16.99 6.96
CA LYS B 146 7.75 -17.87 6.07
C LYS B 146 9.25 -17.74 6.29
N LYS B 147 9.73 -16.55 6.66
CA LYS B 147 11.17 -16.35 6.84
C LYS B 147 11.68 -17.13 8.05
N TYR B 148 10.82 -17.38 9.04
CA TYR B 148 11.22 -18.04 10.28
C TYR B 148 10.64 -19.43 10.46
N TYR B 149 9.70 -19.85 9.64
CA TYR B 149 8.91 -21.03 9.95
C TYR B 149 8.64 -21.83 8.68
N LYS B 150 8.46 -23.13 8.85
CA LYS B 150 7.77 -23.90 7.84
C LYS B 150 6.27 -23.72 8.05
N LEU B 151 5.54 -23.63 6.95
CA LEU B 151 4.13 -23.25 6.97
C LEU B 151 3.31 -24.42 6.43
N ILE B 152 2.41 -24.93 7.27
CA ILE B 152 1.59 -26.10 7.00
C ILE B 152 0.13 -25.69 7.02
N ILE B 153 -0.64 -26.21 6.07
CA ILE B 153 -2.08 -26.04 6.03
C ILE B 153 -2.73 -27.36 6.42
N LEU B 154 -3.69 -27.29 7.35
CA LEU B 154 -4.54 -28.42 7.74
C LEU B 154 -5.98 -27.94 7.68
N SER B 155 -6.65 -28.21 6.58
CA SER B 155 -7.88 -27.51 6.23
C SER B 155 -8.94 -28.46 5.73
N ASN B 156 -10.20 -28.09 6.00
CA ASN B 156 -11.39 -28.71 5.41
C ASN B 156 -11.62 -28.11 4.03
N VAL B 157 -11.07 -28.75 3.00
CA VAL B 157 -11.09 -28.22 1.65
C VAL B 157 -10.61 -29.33 0.72
N ASP B 158 -10.92 -29.19 -0.56
CA ASP B 158 -10.32 -30.02 -1.59
C ASP B 158 -9.19 -29.26 -2.26
N ASN B 159 -8.25 -30.02 -2.81
CA ASN B 159 -7.04 -29.44 -3.36
C ASN B 159 -7.31 -28.54 -4.55
N LYS B 160 -8.31 -28.86 -5.38
CA LYS B 160 -8.63 -27.99 -6.50
C LYS B 160 -9.11 -26.64 -5.99
N THR B 161 -10.00 -26.66 -4.98
CA THR B 161 -10.50 -25.41 -4.43
C THR B 161 -9.39 -24.60 -3.79
N PHE B 162 -8.56 -25.25 -2.97
CA PHE B 162 -7.59 -24.52 -2.16
C PHE B 162 -6.55 -23.78 -3.01
N GLN B 163 -6.31 -24.18 -4.26
CA GLN B 163 -5.32 -23.44 -5.04
C GLN B 163 -5.77 -21.98 -5.26
N TYR B 164 -7.09 -21.74 -5.31
CA TYR B 164 -7.59 -20.38 -5.45
C TYR B 164 -7.37 -19.58 -4.18
N SER B 165 -7.62 -20.18 -3.02
CA SER B 165 -7.28 -19.53 -1.76
C SER B 165 -5.77 -19.31 -1.66
N ASN B 166 -4.98 -20.34 -1.99
CA ASN B 166 -3.52 -20.22 -1.97
C ASN B 166 -3.03 -19.03 -2.81
N GLU B 167 -3.70 -18.76 -3.95
CA GLU B 167 -3.33 -17.59 -4.76
C GLU B 167 -3.56 -16.29 -3.99
N LYS B 168 -4.70 -16.19 -3.28
CA LYS B 168 -5.00 -15.01 -2.48
C LYS B 168 -4.03 -14.83 -1.31
N LEU B 169 -3.55 -15.92 -0.71
CA LEU B 169 -2.62 -15.79 0.42
C LEU B 169 -1.18 -15.50 -0.03
N GLN B 170 -0.85 -15.74 -1.30
CA GLN B 170 0.41 -15.26 -1.90
C GLN B 170 1.66 -15.77 -1.17
N VAL B 171 1.63 -17.01 -0.72
CA VAL B 171 2.77 -17.62 -0.05
C VAL B 171 2.81 -19.08 -0.51
N GLU B 172 4.01 -19.66 -0.51
CA GLU B 172 4.16 -21.10 -0.74
C GLU B 172 4.15 -21.82 0.60
N PHE B 173 3.30 -22.83 0.73
CA PHE B 173 3.22 -23.64 1.94
C PHE B 173 4.13 -24.85 1.84
N ASP B 174 4.78 -25.17 2.95
CA ASP B 174 5.68 -26.31 2.98
C ASP B 174 4.90 -27.63 2.95
N ALA B 175 3.69 -27.65 3.50
CA ALA B 175 2.79 -28.78 3.34
C ALA B 175 1.34 -28.31 3.37
N ILE B 176 0.52 -28.98 2.56
CA ILE B 176 -0.93 -28.76 2.50
C ILE B 176 -1.60 -30.09 2.77
N TYR B 177 -2.16 -30.25 3.98
CA TYR B 177 -2.86 -31.46 4.37
C TYR B 177 -4.37 -31.18 4.38
N SER B 178 -5.06 -31.55 3.31
CA SER B 178 -6.45 -31.23 3.11
C SER B 178 -7.36 -32.38 3.49
N ALA B 179 -8.65 -32.07 3.69
CA ALA B 179 -9.63 -33.11 3.98
C ALA B 179 -9.75 -34.10 2.82
N GLU B 180 -9.48 -33.67 1.59
CA GLU B 180 -9.44 -34.60 0.48
C GLU B 180 -8.31 -35.63 0.64
N ASP B 181 -7.11 -35.18 1.04
CA ASP B 181 -6.01 -36.12 1.29
C ASP B 181 -6.38 -37.11 2.40
N VAL B 182 -7.09 -36.65 3.43
CA VAL B 182 -7.36 -37.47 4.61
C VAL B 182 -8.53 -38.42 4.38
N GLY B 183 -9.51 -38.02 3.59
CA GLY B 183 -10.77 -38.73 3.56
C GLY B 183 -11.68 -38.46 4.74
N ALA B 184 -11.44 -37.37 5.47
CA ALA B 184 -12.30 -36.99 6.59
C ALA B 184 -12.12 -35.50 6.82
N TYR B 185 -13.00 -34.94 7.65
CA TYR B 185 -13.03 -33.51 7.95
C TYR B 185 -12.73 -33.28 9.43
N LYS B 186 -11.95 -32.24 9.73
CA LYS B 186 -11.81 -31.80 11.11
C LYS B 186 -13.19 -31.55 11.70
N PRO B 187 -13.42 -31.84 12.99
CA PRO B 187 -12.47 -32.24 14.04
C PRO B 187 -12.10 -33.73 14.12
N SER B 188 -12.30 -34.51 13.06
CA SER B 188 -11.96 -35.92 13.10
C SER B 188 -10.50 -36.12 13.50
N ASP B 189 -10.26 -37.11 14.35
CA ASP B 189 -8.88 -37.47 14.70
C ASP B 189 -8.07 -37.81 13.46
N ARG B 190 -8.73 -38.26 12.40
CA ARG B 190 -8.00 -38.72 11.21
C ARG B 190 -7.19 -37.59 10.59
N ASN B 191 -7.69 -36.36 10.64
CA ASN B 191 -6.98 -35.27 9.99
C ASN B 191 -5.66 -35.00 10.71
N PHE B 192 -5.69 -34.97 12.04
CA PHE B 192 -4.47 -34.78 12.81
C PHE B 192 -3.53 -35.98 12.70
N GLU B 193 -4.08 -37.20 12.70
CA GLU B 193 -3.24 -38.39 12.51
C GLU B 193 -2.52 -38.35 11.17
N TYR B 194 -3.20 -37.89 10.11
CA TYR B 194 -2.59 -37.84 8.80
C TYR B 194 -1.45 -36.83 8.76
N MET B 195 -1.65 -35.65 9.36
CA MET B 195 -0.58 -34.66 9.46
C MET B 195 0.64 -35.23 10.19
N ASN B 196 0.41 -35.90 11.34
CA ASN B 196 1.53 -36.40 12.13
C ASN B 196 2.31 -37.48 11.39
N GLY B 197 1.63 -38.28 10.55
CA GLY B 197 2.29 -39.32 9.78
C GLY B 197 3.08 -38.81 8.60
N HIS B 198 2.99 -37.52 8.27
CA HIS B 198 3.68 -36.96 7.12
C HIS B 198 4.66 -35.84 7.45
N ILE B 199 4.56 -35.19 8.62
CA ILE B 199 5.46 -34.08 8.92
C ILE B 199 6.93 -34.53 8.94
N GLY B 200 7.18 -35.81 9.24
CA GLY B 200 8.55 -36.32 9.21
C GLY B 200 9.26 -36.12 7.88
N ASP B 201 8.51 -36.11 6.76
CA ASP B 201 9.07 -35.78 5.47
C ASP B 201 9.58 -34.35 5.41
N LEU B 202 9.15 -33.49 6.34
CA LEU B 202 9.62 -32.11 6.43
C LEU B 202 10.73 -31.95 7.44
N GLY B 203 11.14 -33.02 8.11
CA GLY B 203 12.13 -32.91 9.14
C GLY B 203 11.59 -32.37 10.45
N LEU B 204 10.31 -32.58 10.72
CA LEU B 204 9.67 -32.04 11.89
C LEU B 204 9.11 -33.18 12.75
N GLU B 205 8.98 -32.91 14.03
CA GLU B 205 8.31 -33.76 15.00
C GLU B 205 7.11 -33.01 15.57
N PRO B 206 6.12 -33.72 16.12
CA PRO B 206 4.91 -33.05 16.62
C PRO B 206 5.16 -31.91 17.60
N GLY B 207 6.23 -32.00 18.40
CA GLY B 207 6.50 -30.88 19.29
C GLY B 207 7.06 -29.65 18.61
N ASP B 208 7.49 -29.76 17.35
CA ASP B 208 8.05 -28.63 16.63
C ASP B 208 6.99 -27.66 16.13
N ILE B 209 5.71 -28.00 16.23
CA ILE B 209 4.67 -27.36 15.43
C ILE B 209 3.69 -26.65 16.35
N LEU B 210 3.45 -25.37 16.06
CA LEU B 210 2.45 -24.56 16.76
C LEU B 210 1.20 -24.46 15.89
N HIS B 211 0.12 -25.11 16.31
CA HIS B 211 -1.13 -25.15 15.54
C HIS B 211 -1.93 -23.87 15.74
N THR B 212 -2.04 -23.09 14.67
CA THR B 212 -2.62 -21.74 14.68
C THR B 212 -3.99 -21.76 14.00
N ALA B 213 -5.04 -21.44 14.76
CA ALA B 213 -6.38 -21.64 14.26
C ALA B 213 -7.39 -20.78 15.04
N GLU B 214 -8.53 -20.55 14.38
CA GLU B 214 -9.61 -19.72 14.92
C GLU B 214 -10.65 -20.53 15.68
N SER B 215 -10.88 -21.79 15.31
CA SER B 215 -12.08 -22.51 15.69
C SER B 215 -11.84 -23.47 16.84
N LEU B 216 -12.66 -23.38 17.88
CA LEU B 216 -12.55 -24.32 19.00
C LEU B 216 -13.09 -25.69 18.62
N PHE B 217 -14.17 -25.71 17.82
CA PHE B 217 -14.76 -26.97 17.37
C PHE B 217 -13.79 -27.75 16.49
N HIS B 218 -13.35 -27.15 15.38
CA HIS B 218 -12.56 -27.88 14.39
C HIS B 218 -11.12 -28.14 14.84
N ASP B 219 -10.56 -27.28 15.67
CA ASP B 219 -9.10 -27.29 15.74
C ASP B 219 -8.53 -27.43 17.14
N HIS B 220 -9.10 -26.77 18.13
CA HIS B 220 -8.41 -26.70 19.41
C HIS B 220 -8.77 -27.85 20.33
N VAL B 221 -10.03 -28.28 20.32
CA VAL B 221 -10.41 -29.50 21.02
C VAL B 221 -9.51 -30.63 20.53
N PRO B 222 -9.53 -31.01 19.24
CA PRO B 222 -8.68 -32.13 18.81
C PRO B 222 -7.18 -31.88 18.95
N ALA B 223 -6.70 -30.67 18.70
CA ALA B 223 -5.26 -30.47 18.85
C ALA B 223 -4.82 -30.54 20.30
N ARG B 224 -5.73 -30.29 21.25
CA ARG B 224 -5.42 -30.55 22.66
C ARG B 224 -5.51 -32.03 22.99
N LYS B 225 -6.31 -32.78 22.24
CA LYS B 225 -6.41 -34.21 22.47
C LYS B 225 -5.22 -34.97 21.91
N PHE B 226 -4.56 -34.46 20.87
CA PHE B 226 -3.25 -34.93 20.46
C PHE B 226 -2.14 -34.16 21.16
N GLY B 227 -2.49 -33.38 22.19
CA GLY B 227 -1.52 -32.59 22.94
C GLY B 227 -0.66 -31.66 22.11
N MET B 228 -1.22 -31.06 21.06
CA MET B 228 -0.45 -30.14 20.24
C MET B 228 -0.41 -28.77 20.91
N ALA B 229 0.73 -28.07 20.75
CA ALA B 229 0.77 -26.65 21.08
C ALA B 229 -0.17 -25.89 20.15
N ASN B 230 -0.99 -25.00 20.71
CA ASN B 230 -2.01 -24.34 19.92
C ASN B 230 -2.03 -22.84 20.20
N CYS B 231 -2.13 -22.07 19.11
CA CYS B 231 -2.27 -20.62 19.13
C CYS B 231 -3.65 -20.26 18.61
N TRP B 232 -4.46 -19.62 19.46
CA TRP B 232 -5.83 -19.26 19.10
C TRP B 232 -5.83 -17.87 18.48
N ILE B 233 -6.19 -17.77 17.20
CA ILE B 233 -6.43 -16.49 16.53
C ILE B 233 -7.93 -16.21 16.68
N TYR B 234 -8.26 -15.29 17.58
CA TYR B 234 -9.65 -15.01 17.98
C TYR B 234 -10.24 -13.96 17.03
N ARG B 235 -10.56 -14.41 15.81
CA ARG B 235 -11.08 -13.49 14.80
C ARG B 235 -12.43 -12.90 15.19
N ARG B 236 -13.27 -13.65 15.91
CA ARG B 236 -14.53 -13.10 16.39
C ARG B 236 -14.43 -12.50 17.79
N HIS B 237 -13.29 -11.89 18.14
CA HIS B 237 -13.13 -11.33 19.48
C HIS B 237 -14.20 -10.27 19.76
N ALA B 238 -14.50 -9.45 18.77
CA ALA B 238 -15.45 -8.36 18.92
C ALA B 238 -16.88 -8.78 18.57
N GLN B 239 -17.16 -10.08 18.52
CA GLN B 239 -18.44 -10.57 18.02
C GLN B 239 -18.93 -11.72 18.90
N GLU B 240 -20.24 -11.96 18.85
CA GLU B 240 -20.92 -12.86 19.76
C GLU B 240 -21.32 -14.14 19.04
N GLY B 241 -21.01 -15.28 19.65
CA GLY B 241 -21.31 -16.56 19.06
C GLY B 241 -20.14 -17.11 18.26
N PHE B 242 -20.29 -18.35 17.81
CA PHE B 242 -19.23 -19.01 17.08
C PHE B 242 -19.34 -18.86 15.56
N GLY B 243 -20.38 -18.19 15.08
CA GLY B 243 -20.46 -17.87 13.66
C GLY B 243 -20.56 -19.15 12.86
N ALA B 244 -19.63 -19.32 11.90
CA ALA B 244 -19.64 -20.46 11.00
C ALA B 244 -19.13 -21.75 11.64
N THR B 245 -18.60 -21.71 12.87
CA THR B 245 -18.15 -22.90 13.57
C THR B 245 -19.20 -23.36 14.58
N MET B 246 -19.18 -24.66 14.87
CA MET B 246 -20.09 -25.23 15.85
C MET B 246 -19.70 -24.86 17.27
N THR B 247 -20.70 -24.74 18.13
CA THR B 247 -20.43 -24.52 19.54
C THR B 247 -19.71 -25.75 20.09
N PRO B 248 -18.54 -25.58 20.71
CA PRO B 248 -17.80 -26.74 21.20
C PRO B 248 -18.38 -27.31 22.48
N SER B 249 -18.19 -28.61 22.67
CA SER B 249 -18.62 -29.27 23.90
C SER B 249 -17.99 -28.61 25.12
N HIS B 250 -16.66 -28.47 25.11
CA HIS B 250 -15.95 -27.71 26.13
C HIS B 250 -15.06 -26.66 25.47
N GLU B 251 -14.67 -25.65 26.25
CA GLU B 251 -13.77 -24.60 25.81
C GLU B 251 -12.33 -24.94 26.23
N PRO B 252 -11.48 -25.42 25.33
CA PRO B 252 -10.20 -26.01 25.73
C PRO B 252 -9.16 -24.95 26.08
N THR B 253 -7.98 -25.41 26.47
CA THR B 253 -6.92 -24.51 26.84
C THR B 253 -6.03 -24.19 25.63
N TYR B 254 -5.21 -23.16 25.78
CA TYR B 254 -4.40 -22.69 24.68
C TYR B 254 -3.13 -22.04 25.22
N ASP B 255 -2.05 -22.19 24.47
CA ASP B 255 -0.78 -21.59 24.90
C ASP B 255 -0.69 -20.13 24.50
N PHE B 256 -1.27 -19.75 23.36
CA PHE B 256 -1.24 -18.36 22.92
C PHE B 256 -2.61 -17.92 22.42
N ARG B 257 -2.81 -16.60 22.40
CA ARG B 257 -4.04 -16.02 21.86
C ARG B 257 -3.73 -14.65 21.28
N PHE B 258 -4.21 -14.39 20.07
CA PHE B 258 -4.13 -13.07 19.48
C PHE B 258 -5.43 -12.79 18.75
N ASN B 259 -5.71 -11.51 18.53
CA ASN B 259 -6.93 -11.11 17.85
C ASN B 259 -6.81 -11.19 16.33
N SER B 260 -5.60 -11.34 15.80
CA SER B 260 -5.39 -11.29 14.37
C SER B 260 -4.07 -11.96 14.04
N MET B 261 -3.85 -12.19 12.74
CA MET B 261 -2.54 -12.63 12.31
C MET B 261 -1.51 -11.51 12.45
N ALA B 262 -1.95 -10.25 12.38
CA ALA B 262 -1.01 -9.14 12.56
C ALA B 262 -0.43 -9.13 13.96
N ASP B 263 -1.25 -9.45 14.96
CA ASP B 263 -0.79 -9.47 16.34
C ASP B 263 0.12 -10.66 16.62
N LEU B 264 -0.11 -11.80 15.96
CA LEU B 264 0.85 -12.88 16.03
C LEU B 264 2.23 -12.41 15.55
N VAL B 265 2.26 -11.70 14.41
CA VAL B 265 3.54 -11.25 13.85
C VAL B 265 4.21 -10.24 14.79
N LYS B 266 3.44 -9.28 15.31
CA LYS B 266 3.98 -8.33 16.29
C LYS B 266 4.60 -9.06 17.47
N ALA B 267 3.86 -10.02 18.04
CA ALA B 267 4.37 -10.78 19.17
C ALA B 267 5.66 -11.50 18.82
N HIS B 268 5.75 -12.09 17.62
CA HIS B 268 7.00 -12.74 17.25
C HIS B 268 8.12 -11.70 17.09
N GLN B 269 7.80 -10.52 16.57
CA GLN B 269 8.78 -9.43 16.50
C GLN B 269 9.22 -9.00 17.89
N GLU B 270 8.29 -8.95 18.84
CA GLU B 270 8.65 -8.51 20.18
C GLU B 270 9.56 -9.51 20.88
N GLU B 271 9.56 -10.78 20.46
CA GLU B 271 10.50 -11.74 21.03
C GLU B 271 11.92 -11.50 20.52
N LEU B 272 12.08 -11.22 19.23
CA LEU B 272 13.41 -11.01 18.68
C LEU B 272 14.01 -9.67 19.09
N ARG B 273 13.20 -8.76 19.60
CA ARG B 273 13.75 -7.57 20.22
C ARG B 273 14.28 -7.88 21.61
N ASN B 274 13.51 -8.62 22.40
CA ASN B 274 13.93 -9.08 23.71
C ASN B 274 14.75 -10.37 23.62
N MET C 35 26.88 3.33 8.48
CA MET C 35 26.84 4.30 7.39
C MET C 35 25.38 4.71 7.13
N ARG C 36 25.06 6.00 7.33
CA ARG C 36 23.67 6.38 7.51
C ARG C 36 23.31 7.66 6.75
N LEU C 37 22.04 7.73 6.32
CA LEU C 37 21.57 8.85 5.51
C LEU C 37 21.77 10.20 6.22
N GLY C 38 21.60 10.23 7.53
CA GLY C 38 21.73 11.50 8.23
C GLY C 38 23.16 11.99 8.36
N ASP C 39 24.16 11.18 7.99
CA ASP C 39 25.54 11.64 8.03
C ASP C 39 25.83 12.75 7.03
N TYR C 40 25.01 12.88 5.99
CA TYR C 40 25.30 13.80 4.90
C TYR C 40 24.67 15.16 5.11
N LYS C 41 25.35 16.18 4.61
CA LYS C 41 24.83 17.53 4.67
C LYS C 41 24.07 17.93 3.43
N ALA C 42 24.19 17.15 2.35
CA ALA C 42 23.58 17.56 1.09
C ALA C 42 23.34 16.33 0.23
N LEU C 43 22.43 16.51 -0.73
CA LEU C 43 22.11 15.49 -1.71
C LEU C 43 22.32 16.08 -3.09
N SER C 44 23.05 15.38 -3.94
CA SER C 44 23.13 15.77 -5.34
C SER C 44 22.25 14.80 -6.11
N PHE C 45 21.60 15.37 -7.12
CA PHE C 45 20.62 14.57 -7.84
C PHE C 45 20.76 14.65 -9.36
N ASP C 46 20.67 13.49 -10.00
CA ASP C 46 20.50 13.49 -11.45
C ASP C 46 19.02 13.87 -11.56
N CYS C 47 18.65 14.60 -12.58
CA CYS C 47 17.26 14.99 -12.74
C CYS C 47 16.49 14.00 -13.61
N TYR C 48 16.78 13.97 -14.90
CA TYR C 48 15.96 13.22 -15.83
C TYR C 48 16.27 11.73 -15.69
N GLY C 49 15.26 10.97 -15.25
CA GLY C 49 15.38 9.56 -14.91
C GLY C 49 15.24 9.28 -13.44
N THR C 50 15.55 10.27 -12.60
CA THR C 50 15.51 10.16 -11.15
C THR C 50 14.35 10.95 -10.56
N LEU C 51 14.25 12.23 -10.91
CA LEU C 51 13.20 13.13 -10.45
C LEU C 51 12.16 13.36 -11.53
N ILE C 52 12.60 13.64 -12.77
CA ILE C 52 11.72 13.78 -13.92
C ILE C 52 11.67 12.44 -14.65
N ASP C 53 10.46 12.03 -15.04
CA ASP C 53 10.25 10.77 -15.74
C ASP C 53 10.51 10.99 -17.22
N TRP C 54 11.79 11.00 -17.59
CA TRP C 54 12.11 11.35 -18.97
C TRP C 54 11.73 10.24 -19.97
N GLU C 55 11.52 9.01 -19.52
CA GLU C 55 11.12 7.97 -20.45
C GLU C 55 9.67 8.15 -20.92
N SER C 56 8.74 8.39 -19.99
CA SER C 56 7.40 8.78 -20.41
C SER C 56 7.44 10.04 -21.26
N GLY C 57 8.29 11.00 -20.89
CA GLY C 57 8.32 12.27 -21.58
C GLY C 57 8.81 12.13 -23.01
N MET C 58 9.87 11.36 -23.23
CA MET C 58 10.39 11.27 -24.58
C MET C 58 9.55 10.33 -25.44
N ILE C 59 9.05 9.22 -24.88
CA ILE C 59 8.07 8.40 -25.60
C ILE C 59 6.92 9.28 -26.11
N GLU C 60 6.46 10.22 -25.30
CA GLU C 60 5.40 11.12 -25.75
C GLU C 60 5.89 12.08 -26.82
N GLY C 61 7.10 12.63 -26.65
CA GLY C 61 7.60 13.55 -27.64
C GLY C 61 7.97 12.90 -28.94
N LEU C 62 8.16 11.58 -28.93
CA LEU C 62 8.53 10.80 -30.10
C LEU C 62 7.33 10.06 -30.73
N ARG C 63 6.11 10.35 -30.26
CA ARG C 63 4.96 9.50 -30.58
C ARG C 63 4.57 9.60 -32.06
N GLU C 64 4.51 10.82 -32.60
CA GLU C 64 4.22 10.99 -34.01
C GLU C 64 5.31 10.41 -34.90
N LEU C 65 6.57 10.44 -34.45
CA LEU C 65 7.64 9.87 -35.25
C LEU C 65 7.59 8.34 -35.25
N THR C 66 7.39 7.73 -34.08
CA THR C 66 7.37 6.28 -34.04
C THR C 66 6.11 5.72 -34.72
N ALA C 67 5.03 6.51 -34.77
CA ALA C 67 3.84 6.11 -35.52
C ALA C 67 4.15 5.90 -36.99
N ARG C 68 5.00 6.75 -37.58
CA ARG C 68 5.34 6.56 -39.00
C ARG C 68 6.13 5.30 -39.27
N VAL C 69 6.66 4.64 -38.27
CA VAL C 69 7.47 3.46 -38.54
C VAL C 69 6.54 2.26 -38.71
N GLY C 70 6.83 1.45 -39.74
CA GLY C 70 5.97 0.32 -40.03
C GLY C 70 6.04 -0.78 -38.99
N THR C 71 7.24 -1.08 -38.50
CA THR C 71 7.38 -2.07 -37.44
C THR C 71 6.82 -1.51 -36.13
N ASP C 72 6.31 -2.40 -35.29
CA ASP C 72 5.71 -1.99 -34.01
C ASP C 72 6.79 -2.15 -32.93
N MET C 73 7.56 -1.09 -32.73
CA MET C 73 8.71 -1.14 -31.82
C MET C 73 8.25 -1.10 -30.38
N SER C 74 8.93 -1.87 -29.52
CA SER C 74 8.63 -1.80 -28.10
C SER C 74 9.08 -0.47 -27.52
N ARG C 75 8.50 -0.12 -26.36
CA ARG C 75 8.93 1.07 -25.64
C ARG C 75 10.42 1.01 -25.34
N ASP C 76 10.93 -0.17 -24.98
CA ASP C 76 12.35 -0.30 -24.65
C ASP C 76 13.23 -0.17 -25.88
N GLU C 77 12.73 -0.54 -27.04
CA GLU C 77 13.54 -0.43 -28.25
C GLU C 77 13.70 1.03 -28.64
N ILE C 78 12.63 1.80 -28.56
CA ILE C 78 12.69 3.23 -28.82
C ILE C 78 13.64 3.91 -27.84
N LEU C 79 13.45 3.64 -26.54
CA LEU C 79 14.30 4.23 -25.51
C LEU C 79 15.77 3.88 -25.73
N GLN C 80 16.05 2.64 -26.14
CA GLN C 80 17.45 2.26 -26.34
C GLN C 80 18.03 2.91 -27.58
N ALA C 81 17.22 3.09 -28.64
CA ALA C 81 17.72 3.74 -29.84
C ALA C 81 18.04 5.20 -29.56
N HIS C 82 17.18 5.87 -28.79
CA HIS C 82 17.45 7.23 -28.34
C HIS C 82 18.74 7.28 -27.54
N ALA C 83 18.94 6.31 -26.63
CA ALA C 83 20.12 6.33 -25.77
C ALA C 83 21.40 6.22 -26.56
N ARG C 84 21.38 5.45 -27.65
CA ARG C 84 22.58 5.31 -28.46
C ARG C 84 22.94 6.63 -29.15
N HIS C 85 21.95 7.28 -29.76
CA HIS C 85 22.24 8.50 -30.51
C HIS C 85 22.49 9.69 -29.60
N GLU C 86 21.76 9.76 -28.48
CA GLU C 86 21.93 10.87 -27.54
C GLU C 86 23.31 10.85 -26.89
N SER C 87 23.71 9.70 -26.35
CA SER C 87 25.01 9.62 -25.70
C SER C 87 26.14 9.87 -26.70
N ARG C 88 25.99 9.42 -27.94
CA ARG C 88 27.04 9.61 -28.93
C ARG C 88 27.12 11.07 -29.39
N GLN C 89 25.98 11.75 -29.50
CA GLN C 89 25.99 13.14 -29.91
C GLN C 89 26.45 14.05 -28.78
N GLN C 90 26.19 13.66 -27.54
CA GLN C 90 26.75 14.37 -26.41
C GLN C 90 28.27 14.29 -26.39
N ALA C 91 28.82 13.17 -26.85
CA ALA C 91 30.27 13.09 -26.99
C ALA C 91 30.76 13.87 -28.21
N GLN C 92 29.95 13.95 -29.27
CA GLN C 92 30.40 14.62 -30.48
C GLN C 92 30.47 16.13 -30.30
N THR C 93 29.42 16.73 -29.73
CA THR C 93 29.34 18.19 -29.55
C THR C 93 29.00 18.45 -28.09
N PRO C 94 30.00 18.35 -27.20
CA PRO C 94 29.71 18.45 -25.76
C PRO C 94 29.31 19.85 -25.28
N GLY C 95 29.58 20.90 -26.02
CA GLY C 95 29.13 22.22 -25.63
C GLY C 95 27.78 22.66 -26.18
N LYS C 96 27.08 21.77 -26.88
CA LYS C 96 25.81 22.14 -27.49
C LYS C 96 24.70 22.08 -26.44
N PRO C 97 23.95 23.16 -26.25
CA PRO C 97 22.82 23.13 -25.30
C PRO C 97 21.88 21.95 -25.56
N TYR C 98 21.41 21.32 -24.48
CA TYR C 98 20.57 20.13 -24.57
C TYR C 98 19.40 20.35 -25.53
N ARG C 99 18.74 21.50 -25.41
CA ARG C 99 17.59 21.77 -26.27
C ARG C 99 17.95 21.82 -27.76
N ASP C 100 19.23 22.00 -28.09
CA ASP C 100 19.70 21.97 -29.47
C ASP C 100 20.37 20.65 -29.83
N LEU C 101 20.71 19.84 -28.83
CA LEU C 101 21.29 18.53 -29.12
C LEU C 101 20.19 17.51 -29.41
N LEU C 102 19.07 17.61 -28.71
CA LEU C 102 17.96 16.68 -28.93
C LEU C 102 17.41 16.72 -30.36
N PRO C 103 17.24 17.89 -31.01
CA PRO C 103 16.77 17.86 -32.41
C PRO C 103 17.68 17.07 -33.33
N ILE C 104 18.98 17.01 -33.03
CA ILE C 104 19.88 16.16 -33.81
C ILE C 104 19.64 14.68 -33.50
N VAL C 105 19.23 14.36 -32.28
CA VAL C 105 18.94 12.98 -31.93
C VAL C 105 17.65 12.51 -32.62
N TYR C 106 16.64 13.38 -32.66
CA TYR C 106 15.42 13.08 -33.40
C TYR C 106 15.73 12.79 -34.86
N LYS C 107 16.53 13.65 -35.50
CA LYS C 107 16.93 13.44 -36.88
C LYS C 107 17.63 12.09 -37.07
N ARG C 108 18.64 11.82 -36.25
CA ARG C 108 19.37 10.56 -36.34
C ARG C 108 18.45 9.36 -36.21
N LEU C 109 17.48 9.43 -35.30
CA LEU C 109 16.47 8.37 -35.18
C LEU C 109 15.65 8.24 -36.46
N ALA C 110 15.11 9.37 -36.94
CA ALA C 110 14.24 9.33 -38.12
C ALA C 110 14.98 8.79 -39.34
N GLU C 111 16.26 9.16 -39.49
CA GLU C 111 17.04 8.65 -40.61
C GLU C 111 17.33 7.17 -40.43
N GLN C 112 17.62 6.75 -39.19
CA GLN C 112 17.86 5.35 -38.91
C GLN C 112 16.62 4.50 -39.19
N TRP C 113 15.44 4.99 -38.81
CA TRP C 113 14.22 4.23 -39.06
C TRP C 113 13.70 4.39 -40.49
N GLY C 114 14.29 5.26 -41.29
CA GLY C 114 13.91 5.37 -42.69
C GLY C 114 12.60 6.09 -42.97
N VAL C 115 12.19 7.01 -42.11
CA VAL C 115 10.88 7.64 -42.25
C VAL C 115 11.08 9.14 -42.48
N PRO C 116 10.10 9.80 -43.08
CA PRO C 116 10.25 11.23 -43.37
C PRO C 116 10.01 12.07 -42.14
N PHE C 117 10.62 13.25 -42.15
CA PHE C 117 10.59 14.14 -40.99
C PHE C 117 11.03 15.51 -41.47
N SER C 118 10.78 16.51 -40.62
CA SER C 118 11.17 17.88 -40.89
C SER C 118 12.04 18.44 -39.77
N GLN C 119 12.82 19.46 -40.13
CA GLN C 119 13.61 20.17 -39.13
C GLN C 119 12.72 20.82 -38.08
N ALA C 120 11.53 21.31 -38.48
CA ALA C 120 10.58 21.87 -37.52
C ALA C 120 10.16 20.84 -36.47
N GLU C 121 9.98 19.59 -36.87
CA GLU C 121 9.74 18.51 -35.90
C GLU C 121 10.95 18.31 -34.99
N CYS C 122 12.16 18.29 -35.56
CA CYS C 122 13.35 18.15 -34.72
C CYS C 122 13.37 19.19 -33.62
N GLU C 123 13.15 20.46 -33.98
CA GLU C 123 13.20 21.55 -33.00
C GLU C 123 12.03 21.50 -32.03
N GLU C 124 10.86 21.06 -32.48
N GLU C 124 10.86 21.07 -32.49
CA GLU C 124 9.75 20.91 -31.54
CA GLU C 124 9.73 20.88 -31.58
C GLU C 124 10.05 19.84 -30.50
C GLU C 124 10.07 19.85 -30.51
N TYR C 125 10.84 18.83 -30.88
CA TYR C 125 11.16 17.76 -29.93
C TYR C 125 12.13 18.24 -28.86
N GLY C 126 13.14 19.03 -29.26
CA GLY C 126 14.04 19.61 -28.29
C GLY C 126 13.35 20.48 -27.26
N ARG C 127 12.24 21.14 -27.63
CA ARG C 127 11.43 21.91 -26.69
C ARG C 127 10.55 21.02 -25.81
N SER C 128 10.33 19.77 -26.19
CA SER C 128 9.34 18.96 -25.48
C SER C 128 9.77 18.62 -24.06
N VAL C 129 11.07 18.77 -23.73
CA VAL C 129 11.52 18.50 -22.36
C VAL C 129 10.71 19.29 -21.36
N ARG C 130 10.23 20.47 -21.75
CA ARG C 130 9.38 21.29 -20.89
C ARG C 130 8.08 20.60 -20.50
N ASN C 131 7.67 19.55 -21.20
CA ASN C 131 6.48 18.79 -20.86
C ASN C 131 6.79 17.45 -20.19
N TRP C 132 8.07 17.08 -20.08
CA TRP C 132 8.45 15.81 -19.44
C TRP C 132 8.03 15.84 -17.98
N PRO C 133 7.19 14.92 -17.52
CA PRO C 133 6.57 15.06 -16.21
C PRO C 133 7.48 14.56 -15.09
N ALA C 134 7.23 15.10 -13.90
CA ALA C 134 7.89 14.61 -12.69
C ALA C 134 7.26 13.29 -12.27
N PHE C 135 8.07 12.38 -11.76
CA PHE C 135 7.52 11.29 -10.96
C PHE C 135 6.71 11.94 -9.84
N VAL C 136 5.52 11.40 -9.56
CA VAL C 136 4.63 12.15 -8.67
C VAL C 136 5.14 12.21 -7.24
N ASP C 137 6.05 11.33 -6.84
CA ASP C 137 6.61 11.50 -5.50
C ASP C 137 7.72 12.53 -5.43
N SER C 138 8.20 13.02 -6.57
CA SER C 138 9.39 13.88 -6.54
C SER C 138 9.13 15.22 -5.86
N PRO C 139 8.09 16.01 -6.18
CA PRO C 139 7.93 17.30 -5.49
C PRO C 139 7.88 17.18 -3.98
N GLY C 140 7.02 16.31 -3.45
CA GLY C 140 6.92 16.14 -2.00
C GLY C 140 8.18 15.57 -1.37
N ALA C 141 8.83 14.59 -2.02
CA ALA C 141 10.09 14.07 -1.49
C ALA C 141 11.16 15.18 -1.41
N LEU C 142 11.28 16.00 -2.45
CA LEU C 142 12.30 17.03 -2.42
C LEU C 142 11.98 18.09 -1.38
N GLN C 143 10.69 18.42 -1.21
CA GLN C 143 10.32 19.42 -0.22
C GLN C 143 10.63 18.93 1.18
N TYR C 144 10.45 17.62 1.41
CA TYR C 144 10.84 17.03 2.69
C TYR C 144 12.35 17.07 2.86
N LEU C 145 13.11 16.65 1.85
CA LEU C 145 14.56 16.58 1.98
C LEU C 145 15.16 17.97 2.15
N LYS C 146 14.52 19.00 1.56
CA LYS C 146 15.02 20.37 1.66
C LYS C 146 15.15 20.82 3.11
N LYS C 147 14.34 20.27 4.03
CA LYS C 147 14.40 20.62 5.44
C LYS C 147 15.60 20.03 6.17
N TYR C 148 16.29 19.04 5.60
CA TYR C 148 17.40 18.38 6.25
C TYR C 148 18.70 18.46 5.50
N TYR C 149 18.67 18.80 4.21
CA TYR C 149 19.80 18.72 3.31
C TYR C 149 19.82 19.94 2.41
N LYS C 150 21.02 20.39 2.03
CA LYS C 150 21.10 21.22 0.84
C LYS C 150 20.92 20.34 -0.39
N LEU C 151 20.22 20.87 -1.39
CA LEU C 151 19.83 20.11 -2.58
C LEU C 151 20.55 20.63 -3.81
N ILE C 152 21.22 19.73 -4.53
CA ILE C 152 22.04 20.06 -5.68
C ILE C 152 21.58 19.26 -6.89
N ILE C 153 21.47 19.92 -8.03
CA ILE C 153 21.21 19.27 -9.30
C ILE C 153 22.54 19.12 -10.05
N LEU C 154 22.78 17.94 -10.60
CA LEU C 154 23.87 17.71 -11.54
C LEU C 154 23.28 16.98 -12.75
N SER C 155 23.00 17.73 -13.82
CA SER C 155 22.10 17.29 -14.87
C SER C 155 22.66 17.55 -16.27
N ASN C 156 22.37 16.62 -17.17
CA ASN C 156 22.53 16.82 -18.62
C ASN C 156 21.33 17.62 -19.11
N VAL C 157 21.49 18.94 -19.19
CA VAL C 157 20.37 19.81 -19.51
C VAL C 157 20.94 21.21 -19.64
N ASP C 158 20.24 22.08 -20.36
CA ASP C 158 20.58 23.49 -20.41
C ASP C 158 19.73 24.25 -19.39
N ASN C 159 20.20 25.45 -19.03
CA ASN C 159 19.58 26.16 -17.93
C ASN C 159 18.18 26.64 -18.28
N LYS C 160 17.98 27.08 -19.52
CA LYS C 160 16.67 27.54 -19.95
C LYS C 160 15.65 26.42 -19.85
N THR C 161 15.99 25.25 -20.41
CA THR C 161 15.11 24.09 -20.31
C THR C 161 14.86 23.70 -18.86
N PHE C 162 15.91 23.66 -18.03
CA PHE C 162 15.73 23.11 -16.70
C PHE C 162 14.82 23.95 -15.82
N GLN C 163 14.70 25.25 -16.09
CA GLN C 163 13.74 26.06 -15.32
C GLN C 163 12.32 25.48 -15.41
N TYR C 164 11.94 24.91 -16.56
CA TYR C 164 10.61 24.29 -16.65
C TYR C 164 10.52 23.02 -15.79
N SER C 165 11.54 22.18 -15.82
CA SER C 165 11.58 21.05 -14.89
C SER C 165 11.57 21.53 -13.43
N ASN C 166 12.34 22.56 -13.12
CA ASN C 166 12.41 23.08 -11.75
C ASN C 166 11.02 23.54 -11.28
N GLU C 167 10.24 24.20 -12.16
CA GLU C 167 8.85 24.54 -11.83
C GLU C 167 8.03 23.29 -11.50
N LYS C 168 8.21 22.20 -12.25
CA LYS C 168 7.45 20.99 -11.96
C LYS C 168 7.84 20.38 -10.61
N LEU C 169 9.09 20.57 -10.19
CA LEU C 169 9.60 19.93 -8.98
C LEU C 169 9.28 20.71 -7.72
N GLN C 170 8.97 22.01 -7.82
CA GLN C 170 8.37 22.77 -6.72
C GLN C 170 9.27 22.85 -5.49
N VAL C 171 10.57 23.06 -5.73
CA VAL C 171 11.55 23.21 -4.67
C VAL C 171 12.65 24.13 -5.19
N GLU C 172 13.24 24.91 -4.29
CA GLU C 172 14.42 25.71 -4.61
C GLU C 172 15.67 24.87 -4.41
N PHE C 173 16.52 24.81 -5.42
CA PHE C 173 17.77 24.07 -5.30
C PHE C 173 18.88 24.98 -4.83
N ASP C 174 19.73 24.45 -3.93
CA ASP C 174 20.87 25.20 -3.43
C ASP C 174 21.91 25.44 -4.51
N ALA C 175 22.03 24.52 -5.47
CA ALA C 175 22.93 24.70 -6.60
C ALA C 175 22.44 23.87 -7.78
N ILE C 176 22.62 24.42 -8.99
CA ILE C 176 22.26 23.74 -10.25
C ILE C 176 23.50 23.73 -11.12
N TYR C 177 24.17 22.58 -11.24
CA TYR C 177 25.37 22.42 -12.06
C TYR C 177 24.97 21.69 -13.34
N SER C 178 24.68 22.45 -14.39
CA SER C 178 24.17 21.87 -15.62
C SER C 178 25.29 21.60 -16.62
N ALA C 179 24.98 20.73 -17.58
CA ALA C 179 25.91 20.45 -18.68
C ALA C 179 26.25 21.71 -19.46
N GLU C 180 25.31 22.66 -19.55
CA GLU C 180 25.62 23.94 -20.17
C GLU C 180 26.71 24.67 -19.38
N ASP C 181 26.56 24.75 -18.05
CA ASP C 181 27.60 25.34 -17.20
C ASP C 181 28.94 24.67 -17.42
N VAL C 182 28.94 23.34 -17.60
CA VAL C 182 30.17 22.56 -17.68
C VAL C 182 30.82 22.66 -19.04
N GLY C 183 30.04 22.68 -20.11
CA GLY C 183 30.62 22.52 -21.43
C GLY C 183 30.79 21.09 -21.85
N ALA C 184 30.12 20.16 -21.17
CA ALA C 184 30.19 18.73 -21.45
C ALA C 184 29.04 18.02 -20.73
N TYR C 185 28.84 16.74 -21.08
CA TYR C 185 27.75 15.92 -20.56
C TYR C 185 28.29 14.80 -19.68
N LYS C 186 27.54 14.47 -18.63
CA LYS C 186 27.78 13.21 -17.93
C LYS C 186 27.73 12.06 -18.94
N PRO C 187 28.62 11.05 -18.81
CA PRO C 187 29.53 10.76 -17.68
C PRO C 187 30.93 11.36 -17.75
N SER C 188 31.13 12.42 -18.54
CA SER C 188 32.43 13.10 -18.58
C SER C 188 32.90 13.48 -17.17
N ASP C 189 34.19 13.30 -16.92
CA ASP C 189 34.77 13.72 -15.64
C ASP C 189 34.60 15.21 -15.39
N ARG C 190 34.39 16.01 -16.44
CA ARG C 190 34.35 17.45 -16.26
C ARG C 190 33.12 17.91 -15.48
N ASN C 191 32.02 17.19 -15.60
CA ASN C 191 30.81 17.58 -14.88
C ASN C 191 31.02 17.47 -13.39
N PHE C 192 31.62 16.35 -12.95
CA PHE C 192 31.87 16.16 -11.54
C PHE C 192 33.00 17.05 -11.04
N GLU C 193 33.99 17.29 -11.89
CA GLU C 193 35.03 18.24 -11.55
C GLU C 193 34.44 19.62 -11.28
N TYR C 194 33.52 20.05 -12.14
CA TYR C 194 32.92 21.37 -12.01
C TYR C 194 32.11 21.49 -10.72
N MET C 195 31.35 20.45 -10.36
CA MET C 195 30.62 20.46 -9.10
C MET C 195 31.58 20.59 -7.92
N ASN C 196 32.61 19.73 -7.88
CA ASN C 196 33.56 19.76 -6.78
C ASN C 196 34.26 21.12 -6.72
N GLY C 197 34.46 21.77 -7.87
CA GLY C 197 35.08 23.08 -7.84
C GLY C 197 34.19 24.19 -7.35
N HIS C 198 32.90 23.92 -7.10
CA HIS C 198 31.95 24.95 -6.71
C HIS C 198 31.26 24.69 -5.38
N ILE C 199 31.20 23.45 -4.89
CA ILE C 199 30.48 23.17 -3.65
C ILE C 199 31.11 23.86 -2.45
N GLY C 200 32.35 24.34 -2.56
CA GLY C 200 32.91 25.13 -1.49
C GLY C 200 32.13 26.40 -1.23
N ASP C 201 31.54 26.98 -2.29
CA ASP C 201 30.71 28.18 -2.13
C ASP C 201 29.46 27.89 -1.31
N LEU C 202 29.11 26.62 -1.15
CA LEU C 202 27.97 26.21 -0.35
C LEU C 202 28.40 25.68 1.01
N GLY C 203 29.68 25.84 1.36
CA GLY C 203 30.20 25.33 2.60
C GLY C 203 30.35 23.82 2.64
N LEU C 204 30.40 23.17 1.50
CA LEU C 204 30.38 21.72 1.41
C LEU C 204 31.73 21.18 0.95
N GLU C 205 31.97 19.92 1.27
CA GLU C 205 33.06 19.11 0.79
C GLU C 205 32.53 17.80 0.21
N PRO C 206 33.27 17.17 -0.72
CA PRO C 206 32.71 15.99 -1.40
C PRO C 206 32.15 14.92 -0.47
N GLY C 207 32.81 14.64 0.66
CA GLY C 207 32.28 13.63 1.55
C GLY C 207 30.95 14.00 2.19
N ASP C 208 30.61 15.29 2.19
CA ASP C 208 29.34 15.77 2.72
C ASP C 208 28.14 15.43 1.85
N ILE C 209 28.34 14.89 0.64
CA ILE C 209 27.30 14.87 -0.38
C ILE C 209 27.00 13.43 -0.77
N LEU C 210 25.73 13.07 -0.70
CA LEU C 210 25.23 11.80 -1.18
C LEU C 210 24.67 12.02 -2.59
N HIS C 211 25.35 11.46 -3.59
CA HIS C 211 24.89 11.57 -4.97
C HIS C 211 23.76 10.57 -5.21
N THR C 212 22.60 11.09 -5.60
CA THR C 212 21.37 10.31 -5.67
C THR C 212 20.92 10.23 -7.12
N ALA C 213 20.86 9.03 -7.67
CA ALA C 213 20.68 8.96 -9.12
C ALA C 213 20.20 7.59 -9.53
N GLU C 214 19.73 7.55 -10.77
CA GLU C 214 19.17 6.37 -11.39
C GLU C 214 20.22 5.59 -12.19
N SER C 215 21.07 6.29 -12.91
CA SER C 215 21.83 5.70 -14.01
C SER C 215 23.20 5.21 -13.55
N LEU C 216 23.55 4.02 -14.01
CA LEU C 216 24.89 3.50 -13.76
C LEU C 216 25.90 4.09 -14.75
N PHE C 217 25.49 4.21 -16.01
CA PHE C 217 26.29 4.87 -17.05
C PHE C 217 26.58 6.32 -16.69
N HIS C 218 25.52 7.12 -16.57
CA HIS C 218 25.72 8.55 -16.42
C HIS C 218 26.32 8.92 -15.06
N ASP C 219 26.12 8.11 -14.02
CA ASP C 219 26.20 8.69 -12.68
C ASP C 219 26.98 7.91 -11.64
N HIS C 220 26.66 6.63 -11.45
CA HIS C 220 27.24 5.97 -10.28
C HIS C 220 28.66 5.52 -10.55
N VAL C 221 28.97 5.16 -11.79
CA VAL C 221 30.34 4.88 -12.19
C VAL C 221 31.21 6.12 -11.94
N PRO C 222 30.90 7.31 -12.48
CA PRO C 222 31.80 8.45 -12.23
C PRO C 222 31.81 8.95 -10.78
N ALA C 223 30.72 8.81 -10.05
CA ALA C 223 30.78 9.20 -8.65
C ALA C 223 31.65 8.24 -7.84
N ARG C 224 31.87 7.02 -8.36
CA ARG C 224 32.76 6.06 -7.74
C ARG C 224 34.22 6.32 -8.08
N LYS C 225 34.49 6.97 -9.23
CA LYS C 225 35.83 7.46 -9.47
C LYS C 225 36.12 8.68 -8.61
N PHE C 226 35.12 9.50 -8.34
CA PHE C 226 35.33 10.67 -7.52
C PHE C 226 35.06 10.29 -6.07
N GLY C 227 34.95 11.30 -5.20
CA GLY C 227 34.87 11.01 -3.77
C GLY C 227 33.46 11.05 -3.23
N MET C 228 32.52 10.44 -3.97
CA MET C 228 31.10 10.63 -3.77
C MET C 228 30.47 9.36 -3.20
N ALA C 229 29.84 9.49 -2.04
CA ALA C 229 28.86 8.48 -1.64
C ALA C 229 27.71 8.48 -2.64
N ASN C 230 27.10 7.34 -2.88
CA ASN C 230 26.09 7.33 -3.92
C ASN C 230 24.90 6.47 -3.54
N CYS C 231 23.72 7.02 -3.83
CA CYS C 231 22.43 6.39 -3.55
C CYS C 231 21.77 6.08 -4.89
N TRP C 232 21.33 4.85 -5.05
CA TRP C 232 20.78 4.39 -6.32
C TRP C 232 19.26 4.40 -6.19
N ILE C 233 18.61 5.31 -6.92
CA ILE C 233 17.16 5.30 -7.04
C ILE C 233 16.83 4.46 -8.27
N TYR C 234 16.30 3.26 -8.02
CA TYR C 234 16.14 2.25 -9.06
C TYR C 234 14.73 2.34 -9.64
N ARG C 235 14.53 3.34 -10.50
CA ARG C 235 13.16 3.63 -10.94
C ARG C 235 12.59 2.53 -11.81
N ARG C 236 13.43 1.88 -12.62
CA ARG C 236 13.00 0.81 -13.51
C ARG C 236 13.09 -0.57 -12.85
N HIS C 237 12.91 -0.66 -11.53
CA HIS C 237 13.06 -1.94 -10.83
C HIS C 237 12.07 -2.98 -11.35
N ALA C 238 10.83 -2.57 -11.66
CA ALA C 238 9.83 -3.47 -12.22
C ALA C 238 9.87 -3.52 -13.75
N GLN C 239 10.94 -3.05 -14.36
CA GLN C 239 11.07 -3.01 -15.81
C GLN C 239 12.36 -3.72 -16.22
N GLU C 240 12.51 -3.94 -17.51
CA GLU C 240 13.59 -4.73 -18.06
C GLU C 240 14.46 -3.86 -18.95
N GLY C 241 15.78 -4.06 -18.85
CA GLY C 241 16.71 -3.27 -19.64
C GLY C 241 16.95 -1.90 -19.06
N PHE C 242 17.86 -1.16 -19.70
CA PHE C 242 18.27 0.12 -19.15
C PHE C 242 17.44 1.30 -19.66
N GLY C 243 16.53 1.07 -20.62
CA GLY C 243 15.64 2.13 -21.04
C GLY C 243 16.41 3.25 -21.72
N ALA C 244 16.15 4.50 -21.32
CA ALA C 244 16.74 5.66 -21.97
C ALA C 244 18.20 5.89 -21.60
N THR C 245 18.74 5.16 -20.63
CA THR C 245 20.16 5.25 -20.28
C THR C 245 20.96 4.19 -21.03
N MET C 246 22.18 4.57 -21.41
CA MET C 246 23.06 3.62 -22.06
C MET C 246 23.41 2.47 -21.12
N THR C 247 23.81 1.35 -21.71
CA THR C 247 24.31 0.23 -20.93
C THR C 247 25.67 0.60 -20.33
N PRO C 248 25.88 0.40 -19.04
CA PRO C 248 27.20 0.68 -18.45
C PRO C 248 28.18 -0.47 -18.71
N SER C 249 29.47 -0.10 -18.72
CA SER C 249 30.52 -1.11 -18.89
C SER C 249 30.46 -2.17 -17.80
N HIS C 250 30.24 -1.75 -16.56
CA HIS C 250 30.09 -2.67 -15.44
C HIS C 250 28.98 -2.16 -14.53
N GLU C 251 28.65 -2.98 -13.52
CA GLU C 251 27.66 -2.65 -12.50
C GLU C 251 28.38 -2.19 -11.24
N PRO C 252 28.48 -0.89 -10.98
CA PRO C 252 29.30 -0.40 -9.85
C PRO C 252 28.70 -0.72 -8.49
N THR C 253 29.38 -0.32 -7.43
CA THR C 253 28.85 -0.52 -6.08
C THR C 253 28.12 0.74 -5.63
N TYR C 254 27.25 0.58 -4.65
CA TYR C 254 26.44 1.67 -4.15
C TYR C 254 26.27 1.54 -2.65
N ASP C 255 26.14 2.68 -1.97
CA ASP C 255 25.95 2.68 -0.53
C ASP C 255 24.50 2.56 -0.12
N PHE C 256 23.56 2.99 -0.98
CA PHE C 256 22.14 2.89 -0.69
C PHE C 256 21.40 2.57 -1.97
N ARG C 257 20.32 1.81 -1.86
CA ARG C 257 19.43 1.59 -2.98
C ARG C 257 17.99 1.72 -2.52
N PHE C 258 17.18 2.45 -3.30
CA PHE C 258 15.76 2.55 -3.05
C PHE C 258 15.03 2.47 -4.39
N ASN C 259 13.75 2.07 -4.34
CA ASN C 259 12.97 1.97 -5.57
C ASN C 259 12.25 3.26 -5.93
N SER C 260 12.19 4.23 -5.02
CA SER C 260 11.53 5.48 -5.31
C SER C 260 12.07 6.55 -4.38
N MET C 261 11.77 7.80 -4.69
CA MET C 261 12.07 8.89 -3.77
C MET C 261 11.27 8.76 -2.48
N ALA C 262 10.02 8.28 -2.56
CA ALA C 262 9.26 8.04 -1.33
C ALA C 262 9.96 7.06 -0.41
N ASP C 263 10.53 5.99 -0.98
CA ASP C 263 11.21 5.01 -0.14
C ASP C 263 12.46 5.60 0.51
N LEU C 264 13.16 6.49 -0.21
CA LEU C 264 14.27 7.21 0.38
C LEU C 264 13.80 8.02 1.58
N VAL C 265 12.66 8.71 1.45
CA VAL C 265 12.14 9.50 2.56
C VAL C 265 11.72 8.59 3.73
N LYS C 266 11.15 7.42 3.43
CA LYS C 266 10.75 6.51 4.49
C LYS C 266 11.95 6.06 5.31
N ALA C 267 13.04 5.71 4.64
CA ALA C 267 14.27 5.34 5.33
C ALA C 267 14.77 6.47 6.22
N HIS C 268 14.83 7.70 5.67
CA HIS C 268 15.29 8.84 6.45
C HIS C 268 14.39 9.09 7.66
N GLN C 269 13.05 9.00 7.46
N GLN C 269 13.06 8.98 7.49
CA GLN C 269 12.12 9.10 8.59
CA GLN C 269 12.17 9.12 8.63
C GLN C 269 12.45 8.07 9.67
C GLN C 269 12.46 8.07 9.70
N GLU C 270 12.84 6.86 9.28
CA GLU C 270 13.10 5.80 10.23
C GLU C 270 14.43 5.99 10.93
N GLU C 271 15.46 6.46 10.22
CA GLU C 271 16.72 6.78 10.87
C GLU C 271 16.51 7.72 12.05
N LEU C 272 15.65 8.73 11.90
CA LEU C 272 15.44 9.70 12.98
C LEU C 272 14.60 9.11 14.11
N ARG C 273 13.72 8.15 13.82
CA ARG C 273 13.07 7.42 14.89
C ARG C 273 14.12 6.76 15.78
N ASN C 274 14.98 5.95 15.18
CA ASN C 274 16.17 5.42 15.83
C ASN C 274 17.14 6.54 16.21
C1 EDO D . -9.39 10.70 8.24
O1 EDO D . -9.81 9.35 8.60
C2 EDO D . -10.58 11.55 7.72
O2 EDO D . -10.08 12.59 6.88
C1 EDO E . -11.07 -24.46 7.29
O1 EDO E . -9.87 -25.09 6.85
C2 EDO E . -11.79 -25.38 8.29
O2 EDO E . -12.34 -24.56 9.36
C1 EDO F . 20.62 14.03 -16.74
O1 EDO F . 19.69 14.79 -15.94
C2 EDO F . 19.77 12.90 -17.35
O2 EDO F . 20.24 11.61 -16.86
#